data_1IK5
# 
_entry.id   1IK5 
# 
_audit_conform.dict_name       mmcif_pdbx.dic 
_audit_conform.dict_version    5.386 
_audit_conform.dict_location   http://mmcif.pdb.org/dictionaries/ascii/mmcif_pdbx.dic 
# 
loop_
_database_2.database_id 
_database_2.database_code 
_database_2.pdbx_database_accession 
_database_2.pdbx_DOI 
PDB   1IK5         pdb_00001ik5 10.2210/pdb1ik5/pdb 
NDB   AR0033       ?            ?                   
RCSB  RCSB013356   ?            ?                   
WWPDB D_1000013356 ?            ?                   
# 
loop_
_pdbx_audit_revision_history.ordinal 
_pdbx_audit_revision_history.data_content_type 
_pdbx_audit_revision_history.major_revision 
_pdbx_audit_revision_history.minor_revision 
_pdbx_audit_revision_history.revision_date 
1 'Structure model' 1 0 2001-11-09 
2 'Structure model' 1 1 2008-04-27 
3 'Structure model' 1 2 2011-07-13 
4 'Structure model' 1 3 2024-02-07 
# 
_pdbx_audit_revision_details.ordinal             1 
_pdbx_audit_revision_details.revision_ordinal    1 
_pdbx_audit_revision_details.data_content_type   'Structure model' 
_pdbx_audit_revision_details.provider            repository 
_pdbx_audit_revision_details.type                'Initial release' 
_pdbx_audit_revision_details.description         ? 
_pdbx_audit_revision_details.details             ? 
# 
loop_
_pdbx_audit_revision_group.ordinal 
_pdbx_audit_revision_group.revision_ordinal 
_pdbx_audit_revision_group.data_content_type 
_pdbx_audit_revision_group.group 
1 2 'Structure model' 'Version format compliance' 
2 3 'Structure model' 'Version format compliance' 
3 4 'Structure model' 'Data collection'           
4 4 'Structure model' 'Database references'       
5 4 'Structure model' 'Derived calculations'      
# 
loop_
_pdbx_audit_revision_category.ordinal 
_pdbx_audit_revision_category.revision_ordinal 
_pdbx_audit_revision_category.data_content_type 
_pdbx_audit_revision_category.category 
1 4 'Structure model' chem_comp_atom         
2 4 'Structure model' chem_comp_bond         
3 4 'Structure model' database_2             
4 4 'Structure model' pdbx_struct_conn_angle 
5 4 'Structure model' struct_conn            
6 4 'Structure model' struct_conn_type       
7 4 'Structure model' struct_site            
# 
loop_
_pdbx_audit_revision_item.ordinal 
_pdbx_audit_revision_item.revision_ordinal 
_pdbx_audit_revision_item.data_content_type 
_pdbx_audit_revision_item.item 
1  4 'Structure model' '_database_2.pdbx_DOI'                        
2  4 'Structure model' '_database_2.pdbx_database_accession'         
3  4 'Structure model' '_pdbx_struct_conn_angle.ptnr1_auth_asym_id'  
4  4 'Structure model' '_pdbx_struct_conn_angle.ptnr1_auth_seq_id'   
5  4 'Structure model' '_pdbx_struct_conn_angle.ptnr1_label_asym_id' 
6  4 'Structure model' '_pdbx_struct_conn_angle.ptnr3_auth_asym_id'  
7  4 'Structure model' '_pdbx_struct_conn_angle.ptnr3_auth_seq_id'   
8  4 'Structure model' '_pdbx_struct_conn_angle.ptnr3_label_asym_id' 
9  4 'Structure model' '_pdbx_struct_conn_angle.value'               
10 4 'Structure model' '_struct_conn.conn_type_id'                   
11 4 'Structure model' '_struct_conn.id'                             
12 4 'Structure model' '_struct_conn.pdbx_dist_value'                
13 4 'Structure model' '_struct_conn.pdbx_leaving_atom_flag'         
14 4 'Structure model' '_struct_conn.ptnr1_auth_asym_id'             
15 4 'Structure model' '_struct_conn.ptnr1_auth_comp_id'             
16 4 'Structure model' '_struct_conn.ptnr1_auth_seq_id'              
17 4 'Structure model' '_struct_conn.ptnr1_label_asym_id'            
18 4 'Structure model' '_struct_conn.ptnr1_label_atom_id'            
19 4 'Structure model' '_struct_conn.ptnr1_label_comp_id'            
20 4 'Structure model' '_struct_conn.ptnr1_label_seq_id'             
21 4 'Structure model' '_struct_conn.ptnr2_auth_asym_id'             
22 4 'Structure model' '_struct_conn.ptnr2_auth_comp_id'             
23 4 'Structure model' '_struct_conn.ptnr2_auth_seq_id'              
24 4 'Structure model' '_struct_conn.ptnr2_label_asym_id'            
25 4 'Structure model' '_struct_conn.ptnr2_label_atom_id'            
26 4 'Structure model' '_struct_conn.ptnr2_label_comp_id'            
27 4 'Structure model' '_struct_conn.ptnr2_label_seq_id'             
28 4 'Structure model' '_struct_conn_type.id'                        
29 4 'Structure model' '_struct_site.pdbx_auth_asym_id'              
30 4 'Structure model' '_struct_site.pdbx_auth_comp_id'              
31 4 'Structure model' '_struct_site.pdbx_auth_seq_id'               
# 
_pdbx_database_status.status_code                     REL 
_pdbx_database_status.entry_id                        1IK5 
_pdbx_database_status.recvd_initial_deposition_date   2001-05-02 
_pdbx_database_status.deposit_site                    RCSB 
_pdbx_database_status.process_site                    RCSB 
_pdbx_database_status.status_code_sf                  REL 
_pdbx_database_status.SG_entry                        . 
_pdbx_database_status.pdb_format_compatible           Y 
_pdbx_database_status.status_code_mr                  ? 
_pdbx_database_status.status_code_cs                  ? 
_pdbx_database_status.status_code_nmr_data            ? 
_pdbx_database_status.methods_development_category    ? 
# 
_pdbx_database_related.db_name        NDB 
_pdbx_database_related.db_id          AR0029 
_pdbx_database_related.details        
;AR0029 is another crystal form 
containing spermine molecule
;
_pdbx_database_related.content_type   unspecified 
# 
loop_
_audit_author.name 
_audit_author.pdbx_ordinal 
'Deng, J.'           1 
'Xiong, Y.'          2 
'Sudarsanakumar, C.' 3 
'Shi, K.'            4 
'Sundaralingam, M.'  5 
# 
_citation.id                        primary 
_citation.title                     
;Crystal structures of two forms of a 14-mer RNA/DNA chimer duplex with double UU bulges: a novel intramolecular U*(A x U) base triple.
;
_citation.journal_abbrev            RNA 
_citation.journal_volume            7 
_citation.page_first                1425 
_citation.page_last                 1431 
_citation.year                      2001 
_citation.journal_id_ASTM           RNARFU 
_citation.country                   UK 
_citation.journal_id_ISSN           1355-8382 
_citation.journal_id_CSD            2122 
_citation.book_publisher            ? 
_citation.pdbx_database_id_PubMed   11680847 
_citation.pdbx_database_id_DOI      ? 
# 
loop_
_citation_author.citation_id 
_citation_author.name 
_citation_author.ordinal 
_citation_author.identifier_ORCID 
primary 'Deng, J.'           1 ? 
primary 'Xiong, Y.'          2 ? 
primary 'Sudarsanakumar, C.' 3 ? 
primary 'Shi, K.'            4 ? 
primary 'Sundaralingam, M.'  5 ? 
# 
loop_
_entity.id 
_entity.type 
_entity.src_method 
_entity.pdbx_description 
_entity.formula_weight 
_entity.pdbx_number_of_molecules 
_entity.pdbx_ec 
_entity.pdbx_mutation 
_entity.pdbx_fragment 
_entity.details 
1 polymer     syn "5'-R(*GP*GP*UP*AP*UP*UP*UP*CP*GP*GP*UP*AP*(CBR)P*C)-3'" 4503.547 1  ? ? ? 
'potential hair pin fragment with highly conserved UUCG loop' 
2 polymer     syn "5'-R(*GP*GP*UP*AP*UP*UP*UP*UP*GP*GP*UP*AP*(CBR)P*C)-3'" 4504.531 1  ? ? ? ? 
3 non-polymer syn 'MAGNESIUM ION'                                          24.305   2  ? ? ? ? 
4 water       nat water                                                    18.015   67 ? ? ? ? 
# 
loop_
_entity_poly.entity_id 
_entity_poly.type 
_entity_poly.nstd_linkage 
_entity_poly.nstd_monomer 
_entity_poly.pdbx_seq_one_letter_code 
_entity_poly.pdbx_seq_one_letter_code_can 
_entity_poly.pdbx_strand_id 
_entity_poly.pdbx_target_identifier 
1 polyribonucleotide no yes 'GGUAUUUCGGUA(CBR)C' GGUAUUUCGGUACC A ? 
2 polyribonucleotide no yes 'GGUAUUUUGGUA(CBR)C' GGUAUUUUGGUACC B ? 
# 
loop_
_pdbx_entity_nonpoly.entity_id 
_pdbx_entity_nonpoly.name 
_pdbx_entity_nonpoly.comp_id 
3 'MAGNESIUM ION' MG  
4 water           HOH 
# 
loop_
_entity_poly_seq.entity_id 
_entity_poly_seq.num 
_entity_poly_seq.mon_id 
_entity_poly_seq.hetero 
1 1  G   n 
1 2  G   n 
1 3  U   n 
1 4  A   n 
1 5  U   n 
1 6  U   n 
1 7  U   n 
1 8  C   n 
1 9  G   n 
1 10 G   n 
1 11 U   n 
1 12 A   n 
1 13 CBR n 
1 14 C   n 
2 1  G   n 
2 2  G   n 
2 3  U   n 
2 4  A   n 
2 5  U   n 
2 6  U   n 
2 7  U   n 
2 8  U   n 
2 9  G   n 
2 10 G   n 
2 11 U   n 
2 12 A   n 
2 13 CBR n 
2 14 C   n 
# 
loop_
_chem_comp.id 
_chem_comp.type 
_chem_comp.mon_nstd_flag 
_chem_comp.name 
_chem_comp.pdbx_synonyms 
_chem_comp.formula 
_chem_comp.formula_weight 
A   'RNA linking' y "ADENOSINE-5'-MONOPHOSPHATE"                 ? 'C10 H14 N5 O7 P'   347.221 
C   'RNA linking' y "CYTIDINE-5'-MONOPHOSPHATE"                  ? 'C9 H14 N3 O8 P'    323.197 
CBR 'DNA linking' n "5-BROMO-2'-DEOXY-CYTIDINE-5'-MONOPHOSPHATE" ? 'C9 H13 Br N3 O7 P' 386.093 
G   'RNA linking' y "GUANOSINE-5'-MONOPHOSPHATE"                 ? 'C10 H14 N5 O8 P'   363.221 
HOH non-polymer   . WATER                                        ? 'H2 O'              18.015  
MG  non-polymer   . 'MAGNESIUM ION'                              ? 'Mg 2'              24.305  
U   'RNA linking' y "URIDINE-5'-MONOPHOSPHATE"                   ? 'C9 H13 N2 O9 P'    324.181 
# 
loop_
_pdbx_poly_seq_scheme.asym_id 
_pdbx_poly_seq_scheme.entity_id 
_pdbx_poly_seq_scheme.seq_id 
_pdbx_poly_seq_scheme.mon_id 
_pdbx_poly_seq_scheme.ndb_seq_num 
_pdbx_poly_seq_scheme.pdb_seq_num 
_pdbx_poly_seq_scheme.auth_seq_num 
_pdbx_poly_seq_scheme.pdb_mon_id 
_pdbx_poly_seq_scheme.auth_mon_id 
_pdbx_poly_seq_scheme.pdb_strand_id 
_pdbx_poly_seq_scheme.pdb_ins_code 
_pdbx_poly_seq_scheme.hetero 
A 1 1  G   1  1  1  G   G A . n 
A 1 2  G   2  2  2  G   G A . n 
A 1 3  U   3  3  3  U   U A . n 
A 1 4  A   4  4  4  A   A A . n 
A 1 5  U   5  5  5  U   U A . n 
A 1 6  U   6  6  6  U   U A . n 
A 1 7  U   7  7  7  U   U A . n 
A 1 8  C   8  8  8  C   C A . n 
A 1 9  G   9  9  9  G   G A . n 
A 1 10 G   10 10 10 G   G A . n 
A 1 11 U   11 11 11 U   U A . n 
A 1 12 A   12 12 12 A   A A . n 
A 1 13 CBR 13 13 13 CBR B A . n 
A 1 14 C   14 14 14 C   C A . n 
B 2 1  G   1  15 15 G   G B . n 
B 2 2  G   2  16 16 G   G B . n 
B 2 3  U   3  17 17 U   U B . n 
B 2 4  A   4  18 18 A   A B . n 
B 2 5  U   5  19 19 U   U B . n 
B 2 6  U   6  20 20 U   U B . n 
B 2 7  U   7  21 21 U   U B . n 
B 2 8  U   8  22 22 U   U B . n 
B 2 9  G   9  23 23 G   G B . n 
B 2 10 G   10 24 24 G   G B . n 
B 2 11 U   11 25 25 U   U B . n 
B 2 12 A   12 26 26 A   A B . n 
B 2 13 CBR 13 27 27 CBR B B . n 
B 2 14 C   14 28 28 C   C B . n 
# 
loop_
_pdbx_nonpoly_scheme.asym_id 
_pdbx_nonpoly_scheme.entity_id 
_pdbx_nonpoly_scheme.mon_id 
_pdbx_nonpoly_scheme.ndb_seq_num 
_pdbx_nonpoly_scheme.pdb_seq_num 
_pdbx_nonpoly_scheme.auth_seq_num 
_pdbx_nonpoly_scheme.pdb_mon_id 
_pdbx_nonpoly_scheme.auth_mon_id 
_pdbx_nonpoly_scheme.pdb_strand_id 
_pdbx_nonpoly_scheme.pdb_ins_code 
C 3 MG  1  98 98 MG  MG2 A . 
D 3 MG  1  99 99 MG  MG2 B . 
E 4 HOH 1  31 31 HOH HOH A . 
E 4 HOH 2  32 32 HOH HOH A . 
E 4 HOH 3  33 33 HOH HOH A . 
E 4 HOH 4  35 35 HOH HOH A . 
E 4 HOH 5  38 38 HOH HOH A . 
E 4 HOH 6  39 39 HOH HOH A . 
E 4 HOH 7  40 40 HOH HOH A . 
E 4 HOH 8  44 44 HOH HOH A . 
E 4 HOH 9  45 45 HOH HOH A . 
E 4 HOH 10 47 47 HOH HOH A . 
E 4 HOH 11 51 51 HOH HOH A . 
E 4 HOH 12 53 53 HOH HOH A . 
E 4 HOH 13 55 55 HOH HOH A . 
E 4 HOH 14 56 56 HOH HOH A . 
E 4 HOH 15 59 59 HOH HOH A . 
E 4 HOH 16 61 61 HOH HOH A . 
E 4 HOH 17 62 62 HOH HOH A . 
E 4 HOH 18 65 65 HOH HOH A . 
E 4 HOH 19 66 66 HOH HOH A . 
E 4 HOH 20 69 69 HOH HOH A . 
E 4 HOH 21 70 70 HOH HOH A . 
E 4 HOH 22 74 74 HOH HOH A . 
E 4 HOH 23 77 77 HOH HOH A . 
E 4 HOH 24 78 78 HOH HOH A . 
E 4 HOH 25 83 83 HOH HOH A . 
E 4 HOH 26 84 84 HOH HOH A . 
E 4 HOH 27 85 85 HOH HOH A . 
E 4 HOH 28 86 86 HOH HOH A . 
E 4 HOH 29 87 87 HOH HOH A . 
E 4 HOH 30 92 92 HOH HOH A . 
E 4 HOH 31 95 95 HOH HOH A . 
F 4 HOH 1  29 29 HOH HOH B . 
F 4 HOH 2  30 30 HOH HOH B . 
F 4 HOH 3  34 34 HOH HOH B . 
F 4 HOH 4  36 36 HOH HOH B . 
F 4 HOH 5  37 37 HOH HOH B . 
F 4 HOH 6  41 41 HOH HOH B . 
F 4 HOH 7  42 42 HOH HOH B . 
F 4 HOH 8  43 43 HOH HOH B . 
F 4 HOH 9  46 46 HOH HOH B . 
F 4 HOH 10 48 48 HOH HOH B . 
F 4 HOH 11 49 49 HOH HOH B . 
F 4 HOH 12 50 50 HOH HOH B . 
F 4 HOH 13 52 52 HOH HOH B . 
F 4 HOH 14 54 54 HOH HOH B . 
F 4 HOH 15 57 57 HOH HOH B . 
F 4 HOH 16 60 60 HOH HOH B . 
F 4 HOH 17 63 63 HOH HOH B . 
F 4 HOH 18 64 64 HOH HOH B . 
F 4 HOH 19 67 67 HOH HOH B . 
F 4 HOH 20 68 68 HOH HOH B . 
F 4 HOH 21 71 71 HOH HOH B . 
F 4 HOH 22 73 73 HOH HOH B . 
F 4 HOH 23 75 75 HOH HOH B . 
F 4 HOH 24 76 76 HOH HOH B . 
F 4 HOH 25 79 79 HOH HOH B . 
F 4 HOH 26 80 80 HOH HOH B . 
F 4 HOH 27 81 81 HOH HOH B . 
F 4 HOH 28 82 82 HOH HOH B . 
F 4 HOH 29 88 88 HOH HOH B . 
F 4 HOH 30 89 89 HOH HOH B . 
F 4 HOH 31 90 90 HOH HOH B . 
F 4 HOH 32 91 91 HOH HOH B . 
F 4 HOH 33 93 93 HOH HOH B . 
F 4 HOH 34 94 94 HOH HOH B . 
F 4 HOH 35 96 96 HOH HOH B . 
F 4 HOH 36 97 97 HOH HOH B . 
# 
loop_
_pdbx_unobs_or_zero_occ_atoms.id 
_pdbx_unobs_or_zero_occ_atoms.PDB_model_num 
_pdbx_unobs_or_zero_occ_atoms.polymer_flag 
_pdbx_unobs_or_zero_occ_atoms.occupancy_flag 
_pdbx_unobs_or_zero_occ_atoms.auth_asym_id 
_pdbx_unobs_or_zero_occ_atoms.auth_comp_id 
_pdbx_unobs_or_zero_occ_atoms.auth_seq_id 
_pdbx_unobs_or_zero_occ_atoms.PDB_ins_code 
_pdbx_unobs_or_zero_occ_atoms.auth_atom_id 
_pdbx_unobs_or_zero_occ_atoms.label_alt_id 
_pdbx_unobs_or_zero_occ_atoms.label_asym_id 
_pdbx_unobs_or_zero_occ_atoms.label_comp_id 
_pdbx_unobs_or_zero_occ_atoms.label_seq_id 
_pdbx_unobs_or_zero_occ_atoms.label_atom_id 
1 1 Y 0 A U 7  ? C2 ? A U 7 C2 
2 1 Y 0 A U 7  ? O2 ? A U 7 O2 
3 1 Y 0 A U 7  ? C5 ? A U 7 C5 
4 1 Y 0 B U 21 ? O2 ? B U 7 O2 
5 1 Y 0 B U 21 ? C4 ? B U 7 C4 
6 1 Y 0 B U 21 ? O4 ? B U 7 O4 
7 1 Y 0 B U 21 ? C5 ? B U 7 C5 
# 
loop_
_software.name 
_software.classification 
_software.version 
_software.citation_id 
_software.pdbx_ordinal 
DENZO     'data reduction' . ? 1 
SCALEPACK 'data scaling'   . ? 2 
AMoRE     phasing          . ? 3 
CNS       refinement       . ? 4 
# 
_cell.entry_id           1IK5 
_cell.length_a           60.04 
_cell.length_b           29.53 
_cell.length_c           52.44 
_cell.angle_alpha        90 
_cell.angle_beta         120.83 
_cell.angle_gamma        90 
_cell.Z_PDB              4 
_cell.pdbx_unique_axis   ? 
# 
_symmetry.entry_id                         1IK5 
_symmetry.space_group_name_H-M             'C 1 2 1' 
_symmetry.pdbx_full_space_group_name_H-M   ? 
_symmetry.cell_setting                     ? 
_symmetry.Int_Tables_number                5 
# 
_exptl.entry_id          1IK5 
_exptl.method            'X-RAY DIFFRACTION' 
_exptl.crystals_number   1 
# 
_exptl_crystal.id                    1 
_exptl_crystal.density_meas          ? 
_exptl_crystal.density_Matthews      2.25 
_exptl_crystal.density_percent_sol   45.26 
_exptl_crystal.description           ? 
# 
_exptl_crystal_grow.crystal_id      1 
_exptl_crystal_grow.method          'VAPOR DIFFUSION, HANGING DROP' 
_exptl_crystal_grow.temp            298 
_exptl_crystal_grow.temp_details    ? 
_exptl_crystal_grow.pH              7.0 
_exptl_crystal_grow.pdbx_details    'cacodylate, magnesium chloride, MPD, pH 7.0, VAPOR DIFFUSION, HANGING DROP, temperature 298K' 
_exptl_crystal_grow.pdbx_pH_range   ? 
# 
loop_
_exptl_crystal_grow_comp.crystal_id 
_exptl_crystal_grow_comp.id 
_exptl_crystal_grow_comp.sol_id 
_exptl_crystal_grow_comp.name 
_exptl_crystal_grow_comp.volume 
_exptl_crystal_grow_comp.conc 
_exptl_crystal_grow_comp.details 
1 1 1 cacodylate ? ? ? 
1 2 1 MgCl2      ? ? ? 
1 3 1 MPD        ? ? ? 
1 4 2 MPD        ? ? ? 
# 
_diffrn.id                     1 
_diffrn.ambient_temp           140 
_diffrn.ambient_temp_details   ? 
_diffrn.crystal_id             1 
# 
_diffrn_detector.diffrn_id              1 
_diffrn_detector.detector               'IMAGE PLATE' 
_diffrn_detector.type                   'RIGAKU RAXIS IIC' 
_diffrn_detector.pdbx_collection_date   2000-05-02 
_diffrn_detector.details                ? 
# 
_diffrn_radiation.diffrn_id                        1 
_diffrn_radiation.wavelength_id                    1 
_diffrn_radiation.pdbx_monochromatic_or_laue_m_l   M 
_diffrn_radiation.monochromator                    graphite 
_diffrn_radiation.pdbx_diffrn_protocol             'SINGLE WAVELENGTH' 
_diffrn_radiation.pdbx_scattering_type             x-ray 
# 
_diffrn_radiation_wavelength.id           1 
_diffrn_radiation_wavelength.wavelength   1.5418 
_diffrn_radiation_wavelength.wt           1.0 
# 
_diffrn_source.diffrn_id                   1 
_diffrn_source.source                      'ROTATING ANODE' 
_diffrn_source.type                        RIGAKU 
_diffrn_source.pdbx_synchrotron_site       ? 
_diffrn_source.pdbx_synchrotron_beamline   ? 
_diffrn_source.pdbx_wavelength             ? 
_diffrn_source.pdbx_wavelength_list        1.5418 
# 
_refine.entry_id                                 1IK5 
_refine.ls_number_reflns_obs                     6948 
_refine.ls_number_reflns_all                     7463 
_refine.pdbx_ls_sigma_I                          ? 
_refine.pdbx_ls_sigma_F                          2 
_refine.pdbx_data_cutoff_high_absF               ? 
_refine.pdbx_data_cutoff_low_absF                ? 
_refine.ls_d_res_low                             10 
_refine.ls_d_res_high                            1.8 
_refine.ls_percent_reflns_obs                    ? 
_refine.ls_R_factor_obs                          ? 
_refine.ls_R_factor_all                          ? 
_refine.ls_R_factor_R_work                       0.209 
_refine.ls_R_factor_R_free                       0.232 
_refine.ls_R_factor_R_free_error                 ? 
_refine.ls_R_factor_R_free_error_details         ? 
_refine.ls_percent_reflns_R_free                 ? 
_refine.ls_number_reflns_R_free                  683 
_refine.ls_number_parameters                     ? 
_refine.ls_number_restraints                     ? 
_refine.occupancy_min                            ? 
_refine.occupancy_max                            ? 
_refine.B_iso_mean                               ? 
_refine.aniso_B[1][1]                            ? 
_refine.aniso_B[2][2]                            ? 
_refine.aniso_B[3][3]                            ? 
_refine.aniso_B[1][2]                            ? 
_refine.aniso_B[1][3]                            ? 
_refine.aniso_B[2][3]                            ? 
_refine.solvent_model_details                    ? 
_refine.solvent_model_param_ksol                 ? 
_refine.solvent_model_param_bsol                 ? 
_refine.pdbx_ls_cross_valid_method               ? 
_refine.details                                  ? 
_refine.pdbx_starting_model                      ? 
_refine.pdbx_method_to_determine_struct          'MOLECULAR REPLACEMENT' 
_refine.pdbx_isotropic_thermal_model             ? 
_refine.pdbx_stereochemistry_target_values       ? 
_refine.pdbx_stereochem_target_val_spec_case     ? 
_refine.pdbx_R_Free_selection_details            ? 
_refine.pdbx_overall_ESU_R_Free                  ? 
_refine.overall_SU_B                             ? 
_refine.ls_redundancy_reflns_obs                 ? 
_refine.correlation_coeff_Fo_to_Fc               ? 
_refine.correlation_coeff_Fo_to_Fc_free          ? 
_refine.overall_SU_R_Cruickshank_DPI             ? 
_refine.overall_SU_R_free                        ? 
_refine.overall_SU_ML                            ? 
_refine.pdbx_overall_ESU_R                       ? 
_refine.pdbx_data_cutoff_high_rms_absF           ? 
_refine.pdbx_refine_id                           'X-RAY DIFFRACTION' 
_refine.pdbx_diffrn_id                           1 
_refine.pdbx_TLS_residual_ADP_flag               ? 
_refine.pdbx_solvent_vdw_probe_radii             ? 
_refine.pdbx_solvent_ion_probe_radii             ? 
_refine.pdbx_solvent_shrinkage_radii             ? 
_refine.pdbx_overall_phase_error                 ? 
_refine.pdbx_overall_SU_R_free_Cruickshank_DPI   ? 
_refine.pdbx_overall_SU_R_Blow_DPI               ? 
_refine.pdbx_overall_SU_R_free_Blow_DPI          ? 
# 
_refine_hist.pdbx_refine_id                   'X-RAY DIFFRACTION' 
_refine_hist.cycle_id                         LAST 
_refine_hist.pdbx_number_atoms_protein        0 
_refine_hist.pdbx_number_atoms_nucleic_acid   584 
_refine_hist.pdbx_number_atoms_ligand         4 
_refine_hist.number_atoms_solvent             67 
_refine_hist.number_atoms_total               655 
_refine_hist.d_res_high                       1.8 
_refine_hist.d_res_low                        10 
# 
_struct.entry_id                  1IK5 
_struct.title                     
'Crystal Structure of a 14mer RNA Containing Double UU Bulges in Two Crystal Forms: A Novel U*(AU) Intramolecular Base Triple' 
_struct.pdbx_model_details        ? 
_struct.pdbx_CASP_flag            ? 
_struct.pdbx_model_type_details   ? 
# 
_struct_keywords.entry_id        1IK5 
_struct_keywords.pdbx_keywords   RNA 
_struct_keywords.text            'RNA duplex, UU-bulges, base triple, kink, RNA' 
# 
loop_
_struct_asym.id 
_struct_asym.pdbx_blank_PDB_chainid_flag 
_struct_asym.pdbx_modified 
_struct_asym.entity_id 
_struct_asym.details 
A N N 1 ? 
B N N 2 ? 
C N N 3 ? 
D N N 3 ? 
E N N 4 ? 
F N N 4 ? 
# 
loop_
_struct_ref.id 
_struct_ref.entity_id 
_struct_ref.db_name 
_struct_ref.db_code 
_struct_ref.pdbx_db_accession 
_struct_ref.pdbx_db_isoform 
_struct_ref.pdbx_seq_one_letter_code 
_struct_ref.pdbx_align_begin 
1 1 PDB 1IK5 1IK5 ? ? ? 
2 2 PDB 1IK5 1IK5 ? ? ? 
# 
loop_
_struct_ref_seq.align_id 
_struct_ref_seq.ref_id 
_struct_ref_seq.pdbx_PDB_id_code 
_struct_ref_seq.pdbx_strand_id 
_struct_ref_seq.seq_align_beg 
_struct_ref_seq.pdbx_seq_align_beg_ins_code 
_struct_ref_seq.seq_align_end 
_struct_ref_seq.pdbx_seq_align_end_ins_code 
_struct_ref_seq.pdbx_db_accession 
_struct_ref_seq.db_align_beg 
_struct_ref_seq.pdbx_db_align_beg_ins_code 
_struct_ref_seq.db_align_end 
_struct_ref_seq.pdbx_db_align_end_ins_code 
_struct_ref_seq.pdbx_auth_seq_align_beg 
_struct_ref_seq.pdbx_auth_seq_align_end 
1 1 1IK5 A 1 ? 14 ? 1IK5 1  ? 14 ? 1  14 
2 2 1IK5 B 1 ? 14 ? 1IK5 15 ? 28 ? 15 28 
# 
_pdbx_struct_assembly.id                   1 
_pdbx_struct_assembly.details              author_defined_assembly 
_pdbx_struct_assembly.method_details       ? 
_pdbx_struct_assembly.oligomeric_details   dimeric 
_pdbx_struct_assembly.oligomeric_count     2 
# 
_pdbx_struct_assembly_gen.assembly_id       1 
_pdbx_struct_assembly_gen.oper_expression   1 
_pdbx_struct_assembly_gen.asym_id_list      A,B,C,D,E,F 
# 
_pdbx_struct_oper_list.id                   1 
_pdbx_struct_oper_list.type                 'identity operation' 
_pdbx_struct_oper_list.name                 1_555 
_pdbx_struct_oper_list.symmetry_operation   x,y,z 
_pdbx_struct_oper_list.matrix[1][1]         1.0000000000 
_pdbx_struct_oper_list.matrix[1][2]         0.0000000000 
_pdbx_struct_oper_list.matrix[1][3]         0.0000000000 
_pdbx_struct_oper_list.vector[1]            0.0000000000 
_pdbx_struct_oper_list.matrix[2][1]         0.0000000000 
_pdbx_struct_oper_list.matrix[2][2]         1.0000000000 
_pdbx_struct_oper_list.matrix[2][3]         0.0000000000 
_pdbx_struct_oper_list.vector[2]            0.0000000000 
_pdbx_struct_oper_list.matrix[3][1]         0.0000000000 
_pdbx_struct_oper_list.matrix[3][2]         0.0000000000 
_pdbx_struct_oper_list.matrix[3][3]         1.0000000000 
_pdbx_struct_oper_list.vector[3]            0.0000000000 
# 
_struct_biol.id                    1 
_struct_biol.pdbx_parent_biol_id   ? 
_struct_biol.details               ? 
# 
loop_
_struct_conn.id 
_struct_conn.conn_type_id 
_struct_conn.pdbx_leaving_atom_flag 
_struct_conn.pdbx_PDB_id 
_struct_conn.ptnr1_label_asym_id 
_struct_conn.ptnr1_label_comp_id 
_struct_conn.ptnr1_label_seq_id 
_struct_conn.ptnr1_label_atom_id 
_struct_conn.pdbx_ptnr1_label_alt_id 
_struct_conn.pdbx_ptnr1_PDB_ins_code 
_struct_conn.pdbx_ptnr1_standard_comp_id 
_struct_conn.ptnr1_symmetry 
_struct_conn.ptnr2_label_asym_id 
_struct_conn.ptnr2_label_comp_id 
_struct_conn.ptnr2_label_seq_id 
_struct_conn.ptnr2_label_atom_id 
_struct_conn.pdbx_ptnr2_label_alt_id 
_struct_conn.pdbx_ptnr2_PDB_ins_code 
_struct_conn.ptnr1_auth_asym_id 
_struct_conn.ptnr1_auth_comp_id 
_struct_conn.ptnr1_auth_seq_id 
_struct_conn.ptnr2_auth_asym_id 
_struct_conn.ptnr2_auth_comp_id 
_struct_conn.ptnr2_auth_seq_id 
_struct_conn.ptnr2_symmetry 
_struct_conn.pdbx_ptnr3_label_atom_id 
_struct_conn.pdbx_ptnr3_label_seq_id 
_struct_conn.pdbx_ptnr3_label_comp_id 
_struct_conn.pdbx_ptnr3_label_asym_id 
_struct_conn.pdbx_ptnr3_label_alt_id 
_struct_conn.pdbx_ptnr3_PDB_ins_code 
_struct_conn.details 
_struct_conn.pdbx_dist_value 
_struct_conn.pdbx_value_order 
_struct_conn.pdbx_role 
covale1  covale both ? A A   12 "O3'" ? ? ? 1_555 A CBR 13 P  ? ? A A   12 A CBR 13 1_555 ? ? ? ? ? ? ?                    1.605 ? 
? 
covale2  covale both ? A CBR 13 "O3'" ? ? ? 1_555 A C   14 P  ? ? A CBR 13 A C   14 1_555 ? ? ? ? ? ? ?                    1.614 ? 
? 
covale3  covale both ? B A   12 "O3'" ? ? ? 1_555 B CBR 13 P  ? ? B A   26 B CBR 27 1_555 ? ? ? ? ? ? ?                    1.598 ? 
? 
covale4  covale both ? B CBR 13 "O3'" ? ? ? 1_555 B C   14 P  ? ? B CBR 27 B C   28 1_555 ? ? ? ? ? ? ?                    1.607 ? 
? 
metalc1  metalc ?    ? E HOH .  O     ? ? ? 1_555 C MG  .  MG ? ? A HOH 32 A MG  98 1_555 ? ? ? ? ? ? ?                    2.057 ? 
? 
metalc2  metalc ?    ? E HOH .  O     ? ? ? 1_555 C MG  .  MG ? ? A HOH 40 A MG  98 1_555 ? ? ? ? ? ? ?                    2.201 ? 
? 
metalc3  metalc ?    ? E HOH .  O     ? ? ? 1_555 D MG  .  MG ? ? A HOH 74 B MG  99 1_555 ? ? ? ? ? ? ?                    2.139 ? 
? 
metalc4  metalc ?    ? E HOH .  O     ? ? ? 1_555 D MG  .  MG ? ? A HOH 77 B MG  99 1_555 ? ? ? ? ? ? ?                    2.274 ? 
? 
metalc5  metalc ?    ? E HOH .  O     ? ? ? 1_555 C MG  .  MG ? ? A HOH 78 A MG  98 1_555 ? ? ? ? ? ? ?                    2.032 ? 
? 
metalc6  metalc ?    ? F HOH .  O     ? ? ? 1_555 D MG  .  MG ? ? B HOH 75 B MG  99 1_555 ? ? ? ? ? ? ?                    2.094 ? 
? 
metalc7  metalc ?    ? F HOH .  O     ? ? ? 1_555 D MG  .  MG ? ? B HOH 76 B MG  99 1_555 ? ? ? ? ? ? ?                    2.255 ? 
? 
metalc8  metalc ?    ? F HOH .  O     ? ? ? 1_555 D MG  .  MG ? ? B HOH 93 B MG  99 1_555 ? ? ? ? ? ? ?                    2.600 ? 
? 
hydrog1  hydrog ?    ? A G   1  N1    ? ? ? 1_555 B C   14 N3 ? ? A G   1  B C   28 1_555 ? ? ? ? ? ? WATSON-CRICK         ?     ? 
? 
hydrog2  hydrog ?    ? A G   1  N2    ? ? ? 1_555 B C   14 O2 ? ? A G   1  B C   28 1_555 ? ? ? ? ? ? WATSON-CRICK         ?     ? 
? 
hydrog3  hydrog ?    ? A G   1  O6    ? ? ? 1_555 B C   14 N4 ? ? A G   1  B C   28 1_555 ? ? ? ? ? ? WATSON-CRICK         ?     ? 
? 
hydrog4  hydrog ?    ? A G   2  N1    ? ? ? 1_555 B CBR 13 N3 ? ? A G   2  B CBR 27 1_555 ? ? ? ? ? ? WATSON-CRICK         ?     ? 
? 
hydrog5  hydrog ?    ? A G   2  N2    ? ? ? 1_555 B CBR 13 O2 ? ? A G   2  B CBR 27 1_555 ? ? ? ? ? ? WATSON-CRICK         ?     ? 
? 
hydrog6  hydrog ?    ? A G   2  O6    ? ? ? 1_555 B CBR 13 N4 ? ? A G   2  B CBR 27 1_555 ? ? ? ? ? ? WATSON-CRICK         ?     ? 
? 
hydrog7  hydrog ?    ? A U   3  N3    ? ? ? 1_555 B A   12 N1 ? ? A U   3  B A   26 1_555 ? ? ? ? ? ? WATSON-CRICK         ?     ? 
? 
hydrog8  hydrog ?    ? A U   3  O4    ? ? ? 1_555 B A   12 N6 ? ? A U   3  B A   26 1_555 ? ? ? ? ? ? WATSON-CRICK         ?     ? 
? 
hydrog9  hydrog ?    ? A A   4  N6    ? ? ? 1_555 B U   6  O2 ? ? A A   4  B U   20 1_555 ? ? ? ? ? ? 'REVERSED HOOGSTEEN' ?     ? 
? 
hydrog10 hydrog ?    ? A A   4  N7    ? ? ? 1_555 B U   6  N3 ? ? A A   4  B U   20 1_555 ? ? ? ? ? ? 'REVERSED HOOGSTEEN' ?     ? 
? 
hydrog11 hydrog ?    ? A A   4  N1    ? ? ? 1_555 B U   11 N3 ? ? A A   4  B U   25 1_555 ? ? ? ? ? ? WATSON-CRICK         ?     ? 
? 
hydrog12 hydrog ?    ? A A   4  N6    ? ? ? 1_555 B U   11 O4 ? ? A A   4  B U   25 1_555 ? ? ? ? ? ? WATSON-CRICK         ?     ? 
? 
hydrog13 hydrog ?    ? A U   5  N3    ? ? ? 1_555 B G   10 O6 ? ? A U   5  B G   24 1_555 ? ? ? ? ? ? TYPE_28_PAIR         ?     ? 
? 
hydrog14 hydrog ?    ? A U   5  O2    ? ? ? 1_555 B G   10 N1 ? ? A U   5  B G   24 1_555 ? ? ? ? ? ? TYPE_28_PAIR         ?     ? 
? 
hydrog15 hydrog ?    ? A U   6  N3    ? ? ? 1_555 B A   4  N7 ? ? A U   6  B A   18 1_555 ? ? ? ? ? ? 'REVERSED HOOGSTEEN' ?     ? 
? 
hydrog16 hydrog ?    ? A U   6  O2    ? ? ? 1_555 B A   4  N6 ? ? A U   6  B A   18 1_555 ? ? ? ? ? ? 'REVERSED HOOGSTEEN' ?     ? 
? 
hydrog17 hydrog ?    ? A C   8  N3    ? ? ? 1_555 B G   9  N1 ? ? A C   8  B G   23 1_555 ? ? ? ? ? ? WATSON-CRICK         ?     ? 
? 
hydrog18 hydrog ?    ? A C   8  N4    ? ? ? 1_555 B G   9  O6 ? ? A C   8  B G   23 1_555 ? ? ? ? ? ? WATSON-CRICK         ?     ? 
? 
hydrog19 hydrog ?    ? A C   8  O2    ? ? ? 1_555 B G   9  N2 ? ? A C   8  B G   23 1_555 ? ? ? ? ? ? WATSON-CRICK         ?     ? 
? 
hydrog20 hydrog ?    ? A G   9  N1    ? ? ? 1_555 B U   8  O2 ? ? A G   9  B U   22 1_555 ? ? ? ? ? ? 'G-U MISPAIR'        ?     ? 
? 
hydrog21 hydrog ?    ? A G   10 N1    ? ? ? 1_555 B U   5  O2 ? ? A G   10 B U   19 1_555 ? ? ? ? ? ? TYPE_28_PAIR         ?     ? 
? 
hydrog22 hydrog ?    ? A G   10 O6    ? ? ? 1_555 B U   5  N3 ? ? A G   10 B U   19 1_555 ? ? ? ? ? ? TYPE_28_PAIR         ?     ? 
? 
hydrog23 hydrog ?    ? A U   11 N3    ? ? ? 1_555 B A   4  N1 ? ? A U   11 B A   18 1_555 ? ? ? ? ? ? WATSON-CRICK         ?     ? 
? 
hydrog24 hydrog ?    ? A U   11 O4    ? ? ? 1_555 B A   4  N6 ? ? A U   11 B A   18 1_555 ? ? ? ? ? ? WATSON-CRICK         ?     ? 
? 
hydrog25 hydrog ?    ? A A   12 N1    ? ? ? 1_555 B U   3  N3 ? ? A A   12 B U   17 1_555 ? ? ? ? ? ? WATSON-CRICK         ?     ? 
? 
hydrog26 hydrog ?    ? A A   12 N6    ? ? ? 1_555 B U   3  O4 ? ? A A   12 B U   17 1_555 ? ? ? ? ? ? WATSON-CRICK         ?     ? 
? 
hydrog27 hydrog ?    ? A CBR 13 N3    ? ? ? 1_555 B G   2  N1 ? ? A CBR 13 B G   16 1_555 ? ? ? ? ? ? WATSON-CRICK         ?     ? 
? 
hydrog28 hydrog ?    ? A CBR 13 N4    ? ? ? 1_555 B G   2  O6 ? ? A CBR 13 B G   16 1_555 ? ? ? ? ? ? WATSON-CRICK         ?     ? 
? 
hydrog29 hydrog ?    ? A CBR 13 O2    ? ? ? 1_555 B G   2  N2 ? ? A CBR 13 B G   16 1_555 ? ? ? ? ? ? WATSON-CRICK         ?     ? 
? 
hydrog30 hydrog ?    ? A C   14 N3    ? ? ? 1_555 B G   1  N1 ? ? A C   14 B G   15 1_555 ? ? ? ? ? ? WATSON-CRICK         ?     ? 
? 
hydrog31 hydrog ?    ? A C   14 N4    ? ? ? 1_555 B G   1  O6 ? ? A C   14 B G   15 1_555 ? ? ? ? ? ? WATSON-CRICK         ?     ? 
? 
hydrog32 hydrog ?    ? A C   14 O2    ? ? ? 1_555 B G   1  N2 ? ? A C   14 B G   15 1_555 ? ? ? ? ? ? WATSON-CRICK         ?     ? 
? 
# 
loop_
_struct_conn_type.id 
_struct_conn_type.criteria 
_struct_conn_type.reference 
covale ? ? 
metalc ? ? 
hydrog ? ? 
# 
loop_
_pdbx_struct_conn_angle.id 
_pdbx_struct_conn_angle.ptnr1_label_atom_id 
_pdbx_struct_conn_angle.ptnr1_label_alt_id 
_pdbx_struct_conn_angle.ptnr1_label_asym_id 
_pdbx_struct_conn_angle.ptnr1_label_comp_id 
_pdbx_struct_conn_angle.ptnr1_label_seq_id 
_pdbx_struct_conn_angle.ptnr1_auth_atom_id 
_pdbx_struct_conn_angle.ptnr1_auth_asym_id 
_pdbx_struct_conn_angle.ptnr1_auth_comp_id 
_pdbx_struct_conn_angle.ptnr1_auth_seq_id 
_pdbx_struct_conn_angle.ptnr1_PDB_ins_code 
_pdbx_struct_conn_angle.ptnr1_symmetry 
_pdbx_struct_conn_angle.ptnr2_label_atom_id 
_pdbx_struct_conn_angle.ptnr2_label_alt_id 
_pdbx_struct_conn_angle.ptnr2_label_asym_id 
_pdbx_struct_conn_angle.ptnr2_label_comp_id 
_pdbx_struct_conn_angle.ptnr2_label_seq_id 
_pdbx_struct_conn_angle.ptnr2_auth_atom_id 
_pdbx_struct_conn_angle.ptnr2_auth_asym_id 
_pdbx_struct_conn_angle.ptnr2_auth_comp_id 
_pdbx_struct_conn_angle.ptnr2_auth_seq_id 
_pdbx_struct_conn_angle.ptnr2_PDB_ins_code 
_pdbx_struct_conn_angle.ptnr2_symmetry 
_pdbx_struct_conn_angle.ptnr3_label_atom_id 
_pdbx_struct_conn_angle.ptnr3_label_alt_id 
_pdbx_struct_conn_angle.ptnr3_label_asym_id 
_pdbx_struct_conn_angle.ptnr3_label_comp_id 
_pdbx_struct_conn_angle.ptnr3_label_seq_id 
_pdbx_struct_conn_angle.ptnr3_auth_atom_id 
_pdbx_struct_conn_angle.ptnr3_auth_asym_id 
_pdbx_struct_conn_angle.ptnr3_auth_comp_id 
_pdbx_struct_conn_angle.ptnr3_auth_seq_id 
_pdbx_struct_conn_angle.ptnr3_PDB_ins_code 
_pdbx_struct_conn_angle.ptnr3_symmetry 
_pdbx_struct_conn_angle.value 
_pdbx_struct_conn_angle.value_esd 
1  O ? E HOH . ? A HOH 32 ? 1_555 MG ? C MG . ? A MG 98 ? 1_555 O ? E HOH . ? A HOH 40 ? 1_555 94.8  ? 
2  O ? E HOH . ? A HOH 32 ? 1_555 MG ? C MG . ? A MG 98 ? 1_555 O ? E HOH . ? A HOH 78 ? 1_555 86.5  ? 
3  O ? E HOH . ? A HOH 40 ? 1_555 MG ? C MG . ? A MG 98 ? 1_555 O ? E HOH . ? A HOH 78 ? 1_555 100.5 ? 
4  O ? E HOH . ? A HOH 74 ? 1_555 MG ? D MG . ? B MG 99 ? 1_555 O ? E HOH . ? A HOH 77 ? 1_555 74.3  ? 
5  O ? E HOH . ? A HOH 74 ? 1_555 MG ? D MG . ? B MG 99 ? 1_555 O ? F HOH . ? B HOH 75 ? 1_555 93.5  ? 
6  O ? E HOH . ? A HOH 77 ? 1_555 MG ? D MG . ? B MG 99 ? 1_555 O ? F HOH . ? B HOH 75 ? 1_555 83.3  ? 
7  O ? E HOH . ? A HOH 74 ? 1_555 MG ? D MG . ? B MG 99 ? 1_555 O ? F HOH . ? B HOH 76 ? 1_555 113.7 ? 
8  O ? E HOH . ? A HOH 77 ? 1_555 MG ? D MG . ? B MG 99 ? 1_555 O ? F HOH . ? B HOH 76 ? 1_555 171.5 ? 
9  O ? F HOH . ? B HOH 75 ? 1_555 MG ? D MG . ? B MG 99 ? 1_555 O ? F HOH . ? B HOH 76 ? 1_555 93.0  ? 
10 O ? E HOH . ? A HOH 74 ? 1_555 MG ? D MG . ? B MG 99 ? 1_555 O ? F HOH . ? B HOH 93 ? 1_555 145.2 ? 
11 O ? E HOH . ? A HOH 77 ? 1_555 MG ? D MG . ? B MG 99 ? 1_555 O ? F HOH . ? B HOH 93 ? 1_555 71.6  ? 
12 O ? F HOH . ? B HOH 75 ? 1_555 MG ? D MG . ? B MG 99 ? 1_555 O ? F HOH . ? B HOH 93 ? 1_555 75.9  ? 
13 O ? F HOH . ? B HOH 76 ? 1_555 MG ? D MG . ? B MG 99 ? 1_555 O ? F HOH . ? B HOH 93 ? 1_555 100.0 ? 
# 
loop_
_struct_site.id 
_struct_site.pdbx_evidence_code 
_struct_site.pdbx_auth_asym_id 
_struct_site.pdbx_auth_comp_id 
_struct_site.pdbx_auth_seq_id 
_struct_site.pdbx_auth_ins_code 
_struct_site.pdbx_num_residues 
_struct_site.details 
AC1 Software A MG 98 ? 3 'BINDING SITE FOR RESIDUE MG A 98' 
AC2 Software B MG 99 ? 5 'BINDING SITE FOR RESIDUE MG B 99' 
# 
loop_
_struct_site_gen.id 
_struct_site_gen.site_id 
_struct_site_gen.pdbx_num_res 
_struct_site_gen.label_comp_id 
_struct_site_gen.label_asym_id 
_struct_site_gen.label_seq_id 
_struct_site_gen.pdbx_auth_ins_code 
_struct_site_gen.auth_comp_id 
_struct_site_gen.auth_asym_id 
_struct_site_gen.auth_seq_id 
_struct_site_gen.label_atom_id 
_struct_site_gen.label_alt_id 
_struct_site_gen.symmetry 
_struct_site_gen.details 
1 AC1 3 HOH E . ? HOH A 32 . ? 1_555 ? 
2 AC1 3 HOH E . ? HOH A 40 . ? 1_555 ? 
3 AC1 3 HOH E . ? HOH A 78 . ? 1_555 ? 
4 AC2 5 HOH E . ? HOH A 74 . ? 1_555 ? 
5 AC2 5 HOH E . ? HOH A 77 . ? 1_555 ? 
6 AC2 5 HOH F . ? HOH B 75 . ? 1_555 ? 
7 AC2 5 HOH F . ? HOH B 76 . ? 1_555 ? 
8 AC2 5 HOH F . ? HOH B 93 . ? 1_555 ? 
# 
_pdbx_validate_rmsd_angle.id                         1 
_pdbx_validate_rmsd_angle.PDB_model_num              1 
_pdbx_validate_rmsd_angle.auth_atom_id_1             "C3'" 
_pdbx_validate_rmsd_angle.auth_asym_id_1             A 
_pdbx_validate_rmsd_angle.auth_comp_id_1             U 
_pdbx_validate_rmsd_angle.auth_seq_id_1              7 
_pdbx_validate_rmsd_angle.PDB_ins_code_1             ? 
_pdbx_validate_rmsd_angle.label_alt_id_1             ? 
_pdbx_validate_rmsd_angle.auth_atom_id_2             "C2'" 
_pdbx_validate_rmsd_angle.auth_asym_id_2             A 
_pdbx_validate_rmsd_angle.auth_comp_id_2             U 
_pdbx_validate_rmsd_angle.auth_seq_id_2              7 
_pdbx_validate_rmsd_angle.PDB_ins_code_2             ? 
_pdbx_validate_rmsd_angle.label_alt_id_2             ? 
_pdbx_validate_rmsd_angle.auth_atom_id_3             "C1'" 
_pdbx_validate_rmsd_angle.auth_asym_id_3             A 
_pdbx_validate_rmsd_angle.auth_comp_id_3             U 
_pdbx_validate_rmsd_angle.auth_seq_id_3              7 
_pdbx_validate_rmsd_angle.PDB_ins_code_3             ? 
_pdbx_validate_rmsd_angle.label_alt_id_3             ? 
_pdbx_validate_rmsd_angle.angle_value                107.03 
_pdbx_validate_rmsd_angle.angle_target_value         101.50 
_pdbx_validate_rmsd_angle.angle_deviation            5.53 
_pdbx_validate_rmsd_angle.angle_standard_deviation   0.80 
_pdbx_validate_rmsd_angle.linker_flag                N 
# 
_pdbx_validate_planes.id              1 
_pdbx_validate_planes.PDB_model_num   1 
_pdbx_validate_planes.auth_comp_id    U 
_pdbx_validate_planes.auth_asym_id    B 
_pdbx_validate_planes.auth_seq_id     20 
_pdbx_validate_planes.PDB_ins_code    ? 
_pdbx_validate_planes.label_alt_id    ? 
_pdbx_validate_planes.rmsd            0.112 
_pdbx_validate_planes.type            'SIDE CHAIN' 
# 
loop_
_pdbx_struct_mod_residue.id 
_pdbx_struct_mod_residue.label_asym_id 
_pdbx_struct_mod_residue.label_comp_id 
_pdbx_struct_mod_residue.label_seq_id 
_pdbx_struct_mod_residue.auth_asym_id 
_pdbx_struct_mod_residue.auth_comp_id 
_pdbx_struct_mod_residue.auth_seq_id 
_pdbx_struct_mod_residue.PDB_ins_code 
_pdbx_struct_mod_residue.parent_comp_id 
_pdbx_struct_mod_residue.details 
1 A CBR 13 A CBR 13 ? DC ? 
2 B CBR 13 B CBR 27 ? DC ? 
# 
loop_
_chem_comp_atom.comp_id 
_chem_comp_atom.atom_id 
_chem_comp_atom.type_symbol 
_chem_comp_atom.pdbx_aromatic_flag 
_chem_comp_atom.pdbx_stereo_config 
_chem_comp_atom.pdbx_ordinal 
A   OP3    O  N N 1   
A   P      P  N N 2   
A   OP1    O  N N 3   
A   OP2    O  N N 4   
A   "O5'"  O  N N 5   
A   "C5'"  C  N N 6   
A   "C4'"  C  N R 7   
A   "O4'"  O  N N 8   
A   "C3'"  C  N S 9   
A   "O3'"  O  N N 10  
A   "C2'"  C  N R 11  
A   "O2'"  O  N N 12  
A   "C1'"  C  N R 13  
A   N9     N  Y N 14  
A   C8     C  Y N 15  
A   N7     N  Y N 16  
A   C5     C  Y N 17  
A   C6     C  Y N 18  
A   N6     N  N N 19  
A   N1     N  Y N 20  
A   C2     C  Y N 21  
A   N3     N  Y N 22  
A   C4     C  Y N 23  
A   HOP3   H  N N 24  
A   HOP2   H  N N 25  
A   "H5'"  H  N N 26  
A   "H5''" H  N N 27  
A   "H4'"  H  N N 28  
A   "H3'"  H  N N 29  
A   "HO3'" H  N N 30  
A   "H2'"  H  N N 31  
A   "HO2'" H  N N 32  
A   "H1'"  H  N N 33  
A   H8     H  N N 34  
A   H61    H  N N 35  
A   H62    H  N N 36  
A   H2     H  N N 37  
C   OP3    O  N N 38  
C   P      P  N N 39  
C   OP1    O  N N 40  
C   OP2    O  N N 41  
C   "O5'"  O  N N 42  
C   "C5'"  C  N N 43  
C   "C4'"  C  N R 44  
C   "O4'"  O  N N 45  
C   "C3'"  C  N S 46  
C   "O3'"  O  N N 47  
C   "C2'"  C  N R 48  
C   "O2'"  O  N N 49  
C   "C1'"  C  N R 50  
C   N1     N  N N 51  
C   C2     C  N N 52  
C   O2     O  N N 53  
C   N3     N  N N 54  
C   C4     C  N N 55  
C   N4     N  N N 56  
C   C5     C  N N 57  
C   C6     C  N N 58  
C   HOP3   H  N N 59  
C   HOP2   H  N N 60  
C   "H5'"  H  N N 61  
C   "H5''" H  N N 62  
C   "H4'"  H  N N 63  
C   "H3'"  H  N N 64  
C   "HO3'" H  N N 65  
C   "H2'"  H  N N 66  
C   "HO2'" H  N N 67  
C   "H1'"  H  N N 68  
C   H41    H  N N 69  
C   H42    H  N N 70  
C   H5     H  N N 71  
C   H6     H  N N 72  
CBR BR     BR N N 73  
CBR P      P  N N 74  
CBR OP1    O  N N 75  
CBR OP2    O  N N 76  
CBR "O5'"  O  N N 77  
CBR N1     N  N N 78  
CBR C6     C  N N 79  
CBR C2     C  N N 80  
CBR O2     O  N N 81  
CBR N3     N  N N 82  
CBR C4     C  N N 83  
CBR N4     N  N N 84  
CBR C5     C  N N 85  
CBR "C2'"  C  N N 86  
CBR "C5'"  C  N N 87  
CBR "C4'"  C  N R 88  
CBR "O4'"  O  N N 89  
CBR "C1'"  C  N R 90  
CBR "C3'"  C  N S 91  
CBR "O3'"  O  N N 92  
CBR OP3    O  N N 93  
CBR HOP2   H  N N 94  
CBR H6     H  N N 95  
CBR H41    H  N N 96  
CBR H42    H  N N 97  
CBR "H2'"  H  N N 98  
CBR "H2''" H  N N 99  
CBR "H5'"  H  N N 100 
CBR "H5''" H  N N 101 
CBR "H4'"  H  N N 102 
CBR "H1'"  H  N N 103 
CBR "H3'"  H  N N 104 
CBR "HO3'" H  N N 105 
CBR HOP3   H  N N 106 
G   OP3    O  N N 107 
G   P      P  N N 108 
G   OP1    O  N N 109 
G   OP2    O  N N 110 
G   "O5'"  O  N N 111 
G   "C5'"  C  N N 112 
G   "C4'"  C  N R 113 
G   "O4'"  O  N N 114 
G   "C3'"  C  N S 115 
G   "O3'"  O  N N 116 
G   "C2'"  C  N R 117 
G   "O2'"  O  N N 118 
G   "C1'"  C  N R 119 
G   N9     N  Y N 120 
G   C8     C  Y N 121 
G   N7     N  Y N 122 
G   C5     C  Y N 123 
G   C6     C  N N 124 
G   O6     O  N N 125 
G   N1     N  N N 126 
G   C2     C  N N 127 
G   N2     N  N N 128 
G   N3     N  N N 129 
G   C4     C  Y N 130 
G   HOP3   H  N N 131 
G   HOP2   H  N N 132 
G   "H5'"  H  N N 133 
G   "H5''" H  N N 134 
G   "H4'"  H  N N 135 
G   "H3'"  H  N N 136 
G   "HO3'" H  N N 137 
G   "H2'"  H  N N 138 
G   "HO2'" H  N N 139 
G   "H1'"  H  N N 140 
G   H8     H  N N 141 
G   H1     H  N N 142 
G   H21    H  N N 143 
G   H22    H  N N 144 
HOH O      O  N N 145 
HOH H1     H  N N 146 
HOH H2     H  N N 147 
MG  MG     MG N N 148 
U   OP3    O  N N 149 
U   P      P  N N 150 
U   OP1    O  N N 151 
U   OP2    O  N N 152 
U   "O5'"  O  N N 153 
U   "C5'"  C  N N 154 
U   "C4'"  C  N R 155 
U   "O4'"  O  N N 156 
U   "C3'"  C  N S 157 
U   "O3'"  O  N N 158 
U   "C2'"  C  N R 159 
U   "O2'"  O  N N 160 
U   "C1'"  C  N R 161 
U   N1     N  N N 162 
U   C2     C  N N 163 
U   O2     O  N N 164 
U   N3     N  N N 165 
U   C4     C  N N 166 
U   O4     O  N N 167 
U   C5     C  N N 168 
U   C6     C  N N 169 
U   HOP3   H  N N 170 
U   HOP2   H  N N 171 
U   "H5'"  H  N N 172 
U   "H5''" H  N N 173 
U   "H4'"  H  N N 174 
U   "H3'"  H  N N 175 
U   "HO3'" H  N N 176 
U   "H2'"  H  N N 177 
U   "HO2'" H  N N 178 
U   "H1'"  H  N N 179 
U   H3     H  N N 180 
U   H5     H  N N 181 
U   H6     H  N N 182 
# 
loop_
_chem_comp_bond.comp_id 
_chem_comp_bond.atom_id_1 
_chem_comp_bond.atom_id_2 
_chem_comp_bond.value_order 
_chem_comp_bond.pdbx_aromatic_flag 
_chem_comp_bond.pdbx_stereo_config 
_chem_comp_bond.pdbx_ordinal 
A   OP3   P      sing N N 1   
A   OP3   HOP3   sing N N 2   
A   P     OP1    doub N N 3   
A   P     OP2    sing N N 4   
A   P     "O5'"  sing N N 5   
A   OP2   HOP2   sing N N 6   
A   "O5'" "C5'"  sing N N 7   
A   "C5'" "C4'"  sing N N 8   
A   "C5'" "H5'"  sing N N 9   
A   "C5'" "H5''" sing N N 10  
A   "C4'" "O4'"  sing N N 11  
A   "C4'" "C3'"  sing N N 12  
A   "C4'" "H4'"  sing N N 13  
A   "O4'" "C1'"  sing N N 14  
A   "C3'" "O3'"  sing N N 15  
A   "C3'" "C2'"  sing N N 16  
A   "C3'" "H3'"  sing N N 17  
A   "O3'" "HO3'" sing N N 18  
A   "C2'" "O2'"  sing N N 19  
A   "C2'" "C1'"  sing N N 20  
A   "C2'" "H2'"  sing N N 21  
A   "O2'" "HO2'" sing N N 22  
A   "C1'" N9     sing N N 23  
A   "C1'" "H1'"  sing N N 24  
A   N9    C8     sing Y N 25  
A   N9    C4     sing Y N 26  
A   C8    N7     doub Y N 27  
A   C8    H8     sing N N 28  
A   N7    C5     sing Y N 29  
A   C5    C6     sing Y N 30  
A   C5    C4     doub Y N 31  
A   C6    N6     sing N N 32  
A   C6    N1     doub Y N 33  
A   N6    H61    sing N N 34  
A   N6    H62    sing N N 35  
A   N1    C2     sing Y N 36  
A   C2    N3     doub Y N 37  
A   C2    H2     sing N N 38  
A   N3    C4     sing Y N 39  
C   OP3   P      sing N N 40  
C   OP3   HOP3   sing N N 41  
C   P     OP1    doub N N 42  
C   P     OP2    sing N N 43  
C   P     "O5'"  sing N N 44  
C   OP2   HOP2   sing N N 45  
C   "O5'" "C5'"  sing N N 46  
C   "C5'" "C4'"  sing N N 47  
C   "C5'" "H5'"  sing N N 48  
C   "C5'" "H5''" sing N N 49  
C   "C4'" "O4'"  sing N N 50  
C   "C4'" "C3'"  sing N N 51  
C   "C4'" "H4'"  sing N N 52  
C   "O4'" "C1'"  sing N N 53  
C   "C3'" "O3'"  sing N N 54  
C   "C3'" "C2'"  sing N N 55  
C   "C3'" "H3'"  sing N N 56  
C   "O3'" "HO3'" sing N N 57  
C   "C2'" "O2'"  sing N N 58  
C   "C2'" "C1'"  sing N N 59  
C   "C2'" "H2'"  sing N N 60  
C   "O2'" "HO2'" sing N N 61  
C   "C1'" N1     sing N N 62  
C   "C1'" "H1'"  sing N N 63  
C   N1    C2     sing N N 64  
C   N1    C6     sing N N 65  
C   C2    O2     doub N N 66  
C   C2    N3     sing N N 67  
C   N3    C4     doub N N 68  
C   C4    N4     sing N N 69  
C   C4    C5     sing N N 70  
C   N4    H41    sing N N 71  
C   N4    H42    sing N N 72  
C   C5    C6     doub N N 73  
C   C5    H5     sing N N 74  
C   C6    H6     sing N N 75  
CBR BR    C5     sing N N 76  
CBR P     OP1    doub N N 77  
CBR P     OP2    sing N N 78  
CBR P     "O5'"  sing N N 79  
CBR P     OP3    sing N N 80  
CBR OP2   HOP2   sing N N 81  
CBR "O5'" "C5'"  sing N N 82  
CBR N1    C6     sing N N 83  
CBR N1    C2     sing N N 84  
CBR N1    "C1'"  sing N N 85  
CBR C6    C5     doub N N 86  
CBR C6    H6     sing N N 87  
CBR C2    O2     doub N N 88  
CBR C2    N3     sing N N 89  
CBR N3    C4     doub N N 90  
CBR C4    N4     sing N N 91  
CBR C4    C5     sing N N 92  
CBR N4    H41    sing N N 93  
CBR N4    H42    sing N N 94  
CBR "C2'" "C1'"  sing N N 95  
CBR "C2'" "C3'"  sing N N 96  
CBR "C2'" "H2'"  sing N N 97  
CBR "C2'" "H2''" sing N N 98  
CBR "C5'" "C4'"  sing N N 99  
CBR "C5'" "H5'"  sing N N 100 
CBR "C5'" "H5''" sing N N 101 
CBR "C4'" "O4'"  sing N N 102 
CBR "C4'" "C3'"  sing N N 103 
CBR "C4'" "H4'"  sing N N 104 
CBR "O4'" "C1'"  sing N N 105 
CBR "C1'" "H1'"  sing N N 106 
CBR "C3'" "O3'"  sing N N 107 
CBR "C3'" "H3'"  sing N N 108 
CBR "O3'" "HO3'" sing N N 109 
CBR OP3   HOP3   sing N N 110 
G   OP3   P      sing N N 111 
G   OP3   HOP3   sing N N 112 
G   P     OP1    doub N N 113 
G   P     OP2    sing N N 114 
G   P     "O5'"  sing N N 115 
G   OP2   HOP2   sing N N 116 
G   "O5'" "C5'"  sing N N 117 
G   "C5'" "C4'"  sing N N 118 
G   "C5'" "H5'"  sing N N 119 
G   "C5'" "H5''" sing N N 120 
G   "C4'" "O4'"  sing N N 121 
G   "C4'" "C3'"  sing N N 122 
G   "C4'" "H4'"  sing N N 123 
G   "O4'" "C1'"  sing N N 124 
G   "C3'" "O3'"  sing N N 125 
G   "C3'" "C2'"  sing N N 126 
G   "C3'" "H3'"  sing N N 127 
G   "O3'" "HO3'" sing N N 128 
G   "C2'" "O2'"  sing N N 129 
G   "C2'" "C1'"  sing N N 130 
G   "C2'" "H2'"  sing N N 131 
G   "O2'" "HO2'" sing N N 132 
G   "C1'" N9     sing N N 133 
G   "C1'" "H1'"  sing N N 134 
G   N9    C8     sing Y N 135 
G   N9    C4     sing Y N 136 
G   C8    N7     doub Y N 137 
G   C8    H8     sing N N 138 
G   N7    C5     sing Y N 139 
G   C5    C6     sing N N 140 
G   C5    C4     doub Y N 141 
G   C6    O6     doub N N 142 
G   C6    N1     sing N N 143 
G   N1    C2     sing N N 144 
G   N1    H1     sing N N 145 
G   C2    N2     sing N N 146 
G   C2    N3     doub N N 147 
G   N2    H21    sing N N 148 
G   N2    H22    sing N N 149 
G   N3    C4     sing N N 150 
HOH O     H1     sing N N 151 
HOH O     H2     sing N N 152 
U   OP3   P      sing N N 153 
U   OP3   HOP3   sing N N 154 
U   P     OP1    doub N N 155 
U   P     OP2    sing N N 156 
U   P     "O5'"  sing N N 157 
U   OP2   HOP2   sing N N 158 
U   "O5'" "C5'"  sing N N 159 
U   "C5'" "C4'"  sing N N 160 
U   "C5'" "H5'"  sing N N 161 
U   "C5'" "H5''" sing N N 162 
U   "C4'" "O4'"  sing N N 163 
U   "C4'" "C3'"  sing N N 164 
U   "C4'" "H4'"  sing N N 165 
U   "O4'" "C1'"  sing N N 166 
U   "C3'" "O3'"  sing N N 167 
U   "C3'" "C2'"  sing N N 168 
U   "C3'" "H3'"  sing N N 169 
U   "O3'" "HO3'" sing N N 170 
U   "C2'" "O2'"  sing N N 171 
U   "C2'" "C1'"  sing N N 172 
U   "C2'" "H2'"  sing N N 173 
U   "O2'" "HO2'" sing N N 174 
U   "C1'" N1     sing N N 175 
U   "C1'" "H1'"  sing N N 176 
U   N1    C2     sing N N 177 
U   N1    C6     sing N N 178 
U   C2    O2     doub N N 179 
U   C2    N3     sing N N 180 
U   N3    C4     sing N N 181 
U   N3    H3     sing N N 182 
U   C4    O4     doub N N 183 
U   C4    C5     sing N N 184 
U   C5    C6     doub N N 185 
U   C5    H5     sing N N 186 
U   C6    H6     sing N N 187 
# 
loop_
_ndb_struct_conf_na.entry_id 
_ndb_struct_conf_na.feature 
1IK5 'a-form double helix'  
1IK5 'bulge loop'           
1IK5 'mismatched base pair' 
# 
loop_
_ndb_struct_na_base_pair.model_number 
_ndb_struct_na_base_pair.i_label_asym_id 
_ndb_struct_na_base_pair.i_label_comp_id 
_ndb_struct_na_base_pair.i_label_seq_id 
_ndb_struct_na_base_pair.i_symmetry 
_ndb_struct_na_base_pair.j_label_asym_id 
_ndb_struct_na_base_pair.j_label_comp_id 
_ndb_struct_na_base_pair.j_label_seq_id 
_ndb_struct_na_base_pair.j_symmetry 
_ndb_struct_na_base_pair.shear 
_ndb_struct_na_base_pair.stretch 
_ndb_struct_na_base_pair.stagger 
_ndb_struct_na_base_pair.buckle 
_ndb_struct_na_base_pair.propeller 
_ndb_struct_na_base_pair.opening 
_ndb_struct_na_base_pair.pair_number 
_ndb_struct_na_base_pair.pair_name 
_ndb_struct_na_base_pair.i_auth_asym_id 
_ndb_struct_na_base_pair.i_auth_seq_id 
_ndb_struct_na_base_pair.i_PDB_ins_code 
_ndb_struct_na_base_pair.j_auth_asym_id 
_ndb_struct_na_base_pair.j_auth_seq_id 
_ndb_struct_na_base_pair.j_PDB_ins_code 
_ndb_struct_na_base_pair.hbond_type_28 
_ndb_struct_na_base_pair.hbond_type_12 
1 A G   1  1_555 B C   14 1_555 -0.505 -0.101 0.006  -4.698 -3.104  -1.458 1  A_G1:C28_B    A 1  ? B 28 ? 19 1 
1 A G   2  1_555 B CBR 13 1_555 -0.223 -0.192 -0.007 -5.312 -13.976 -0.212 2  A_G2:CBR27_B  A 2  ? B 27 ? 19 1 
1 A U   3  1_555 B A   12 1_555 0.156  -0.058 0.073  -1.428 -9.250  6.919  3  A_U3:A26_B    A 3  ? B 26 ? 20 1 
1 A A   4  1_555 B U   11 1_555 -0.006 -0.142 0.222  -0.838 -13.277 4.068  4  A_A4:U25_B    A 4  ? B 25 ? 20 1 
1 A U   5  1_555 B G   10 1_555 2.647  -0.654 0.151  7.830  -9.030  -2.127 5  A_U5:G24_B    A 5  ? B 24 ? 28 ? 
1 A C   8  1_555 B G   9  1_555 0.081  -0.156 -0.148 1.310  0.017   3.043  6  A_C8:G23_B    A 8  ? B 23 ? 19 1 
1 A G   9  1_555 B U   8  1_555 -0.179 -0.205 -0.242 -3.959 -3.998  0.302  7  A_G9:U22_B    A 9  ? B 22 ? ?  1 
1 A G   10 1_555 B U   5  1_555 -2.466 -0.486 0.206  -8.150 -3.730  0.270  8  A_G10:U19_B   A 10 ? B 19 ? 28 ? 
1 A U   11 1_555 B A   4  1_555 0.022  -0.095 0.051  2.234  -11.290 4.168  9  A_U11:A18_B   A 11 ? B 18 ? 20 1 
1 A A   12 1_555 B U   3  1_555 -0.250 0.000  0.317  2.676  -11.745 5.558  10 A_A12:U17_B   A 12 ? B 17 ? 20 1 
1 A CBR 13 1_555 B G   2  1_555 0.378  -0.101 -0.248 12.308 -14.448 0.281  11 A_CBR13:G16_B A 13 ? B 16 ? 19 1 
1 A C   14 1_555 B G   1  1_555 0.472  -0.206 -0.173 8.308  -9.188  -2.145 12 A_C14:G15_B   A 14 ? B 15 ? 19 1 
# 
loop_
_ndb_struct_na_base_pair_step.model_number 
_ndb_struct_na_base_pair_step.i_label_asym_id_1 
_ndb_struct_na_base_pair_step.i_label_comp_id_1 
_ndb_struct_na_base_pair_step.i_label_seq_id_1 
_ndb_struct_na_base_pair_step.i_symmetry_1 
_ndb_struct_na_base_pair_step.j_label_asym_id_1 
_ndb_struct_na_base_pair_step.j_label_comp_id_1 
_ndb_struct_na_base_pair_step.j_label_seq_id_1 
_ndb_struct_na_base_pair_step.j_symmetry_1 
_ndb_struct_na_base_pair_step.i_label_asym_id_2 
_ndb_struct_na_base_pair_step.i_label_comp_id_2 
_ndb_struct_na_base_pair_step.i_label_seq_id_2 
_ndb_struct_na_base_pair_step.i_symmetry_2 
_ndb_struct_na_base_pair_step.j_label_asym_id_2 
_ndb_struct_na_base_pair_step.j_label_comp_id_2 
_ndb_struct_na_base_pair_step.j_label_seq_id_2 
_ndb_struct_na_base_pair_step.j_symmetry_2 
_ndb_struct_na_base_pair_step.shift 
_ndb_struct_na_base_pair_step.slide 
_ndb_struct_na_base_pair_step.rise 
_ndb_struct_na_base_pair_step.tilt 
_ndb_struct_na_base_pair_step.roll 
_ndb_struct_na_base_pair_step.twist 
_ndb_struct_na_base_pair_step.x_displacement 
_ndb_struct_na_base_pair_step.y_displacement 
_ndb_struct_na_base_pair_step.helical_rise 
_ndb_struct_na_base_pair_step.inclination 
_ndb_struct_na_base_pair_step.tip 
_ndb_struct_na_base_pair_step.helical_twist 
_ndb_struct_na_base_pair_step.step_number 
_ndb_struct_na_base_pair_step.step_name 
_ndb_struct_na_base_pair_step.i_auth_asym_id_1 
_ndb_struct_na_base_pair_step.i_auth_seq_id_1 
_ndb_struct_na_base_pair_step.i_PDB_ins_code_1 
_ndb_struct_na_base_pair_step.j_auth_asym_id_1 
_ndb_struct_na_base_pair_step.j_auth_seq_id_1 
_ndb_struct_na_base_pair_step.j_PDB_ins_code_1 
_ndb_struct_na_base_pair_step.i_auth_asym_id_2 
_ndb_struct_na_base_pair_step.i_auth_seq_id_2 
_ndb_struct_na_base_pair_step.i_PDB_ins_code_2 
_ndb_struct_na_base_pair_step.j_auth_asym_id_2 
_ndb_struct_na_base_pair_step.j_auth_seq_id_2 
_ndb_struct_na_base_pair_step.j_PDB_ins_code_2 
1 A G   1  1_555 B C   14 1_555 A G   2  1_555 B CBR 13 1_555 -0.416 -1.622 3.241 -1.703 7.690  33.506 -3.872 0.454  2.827 13.115 
2.904  34.393 1  AA_G1G2:CBR27C28_BB   A 1  ? B 28 ? A 2  ? B 27 ? 
1 A G   2  1_555 B CBR 13 1_555 A U   3  1_555 B A   12 1_555 1.003  -1.763 3.177 1.790  3.210  30.839 -3.881 -1.547 3.034 6.010  
-3.350 31.052 2  AA_G2U3:A26CBR27_BB   A 2  ? B 27 ? A 3  ? B 26 ? 
1 A U   3  1_555 B A   12 1_555 A A   4  1_555 B U   11 1_555 -0.665 -1.782 3.128 -2.036 8.745  27.807 -5.215 0.929  2.504 17.624 
4.102  29.193 3  AA_U3A4:U25A26_BB     A 3  ? B 26 ? A 4  ? B 25 ? 
1 A A   4  1_555 B U   11 1_555 A U   5  1_555 B G   10 1_555 -0.429 -1.032 3.064 1.746  9.685  40.820 -2.350 0.763  2.740 13.647 
-2.460 41.940 4  AA_A4U5:G24U25_BB     A 4  ? B 25 ? A 5  ? B 24 ? 
1 A U   5  1_555 B G   10 1_555 A C   8  1_555 B G   9  1_555 -1.859 -1.845 3.190 -2.173 8.904  38.726 -3.675 2.498  2.811 13.203 
3.222  39.755 5  AA_U5C8:G23G24_BB     A 5  ? B 24 ? A 8  ? B 23 ? 
1 A C   8  1_555 B G   9  1_555 A G   9  1_555 B U   8  1_555 0.018  -2.445 3.436 0.741  5.533  21.906 -8.174 0.215  2.741 14.264 
-1.910 22.597 6  AA_C8G9:U22G23_BB     A 8  ? B 23 ? A 9  ? B 22 ? 
1 A G   9  1_555 B U   8  1_555 A G   10 1_555 B U   5  1_555 2.049  -1.914 3.010 0.465  8.688  40.999 -3.465 -2.825 2.592 12.237 
-0.656 41.873 7  AA_G9G10:U19U22_BB    A 9  ? B 22 ? A 10 ? B 19 ? 
1 A G   10 1_555 B U   5  1_555 A U   11 1_555 B A   4  1_555 0.129  -0.877 3.017 -0.149 9.712  38.184 -2.328 -0.208 2.722 14.560 
0.223  39.355 8  AA_G10U11:A18U19_BB   A 10 ? B 19 ? A 11 ? B 18 ? 
1 A U   11 1_555 B A   4  1_555 A A   12 1_555 B U   3  1_555 0.179  -1.544 3.026 -2.064 11.941 30.354 -4.488 -0.620 2.258 21.747 
3.759  32.631 9  AA_U11A12:U17A18_BB   A 11 ? B 18 ? A 12 ? B 17 ? 
1 A A   12 1_555 B U   3  1_555 A CBR 13 1_555 B G   2  1_555 -0.696 -1.568 3.062 1.598  2.044  33.163 -3.051 1.460  2.927 3.574  
-2.795 33.262 10 AA_A12CBR13:G16U17_BB A 12 ? B 17 ? A 13 ? B 16 ? 
1 A CBR 13 1_555 B G   2  1_555 A C   14 1_555 B G   1  1_555 0.196  -1.969 3.418 0.884  5.768  32.139 -4.496 -0.196 3.033 10.312 
-1.580 32.651 11 AA_CBR13C14:G15G16_BB A 13 ? B 16 ? A 14 ? B 15 ? 
# 
_atom_sites.entry_id                    1IK5 
_atom_sites.fract_transf_matrix[1][1]   -0.00364468 
_atom_sites.fract_transf_matrix[1][2]   -0.01107680 
_atom_sites.fract_transf_matrix[1][3]   0.01550054 
_atom_sites.fract_transf_matrix[2][1]   0.03314952 
_atom_sites.fract_transf_matrix[2][2]   -0.00593929 
_atom_sites.fract_transf_matrix[2][3]   0.00355027 
_atom_sites.fract_transf_matrix[3][1]   -0.00060756 
_atom_sites.fract_transf_matrix[3][2]   0.00879356 
_atom_sites.fract_transf_matrix[3][3]   0.02038380 
_atom_sites.fract_transf_vector[1]      0.117381 
_atom_sites.fract_transf_vector[2]      -0.001578 
_atom_sites.fract_transf_vector[3]      0.259065 
# 
loop_
_atom_type.symbol 
BR 
C  
MG 
N  
O  
P  
# 
loop_
_atom_site.group_PDB 
_atom_site.id 
_atom_site.type_symbol 
_atom_site.label_atom_id 
_atom_site.label_alt_id 
_atom_site.label_comp_id 
_atom_site.label_asym_id 
_atom_site.label_entity_id 
_atom_site.label_seq_id 
_atom_site.pdbx_PDB_ins_code 
_atom_site.Cartn_x 
_atom_site.Cartn_y 
_atom_site.Cartn_z 
_atom_site.occupancy 
_atom_site.B_iso_or_equiv 
_atom_site.pdbx_formal_charge 
_atom_site.auth_seq_id 
_atom_site.auth_comp_id 
_atom_site.auth_asym_id 
_atom_site.auth_atom_id 
_atom_site.pdbx_PDB_model_num 
ATOM   1   O  "O5'" . G   A 1 1  ? 13.248  6.116   -3.313  1.00 35.04 ? 1  G   A "O5'" 1 
ATOM   2   C  "C5'" . G   A 1 1  ? 14.543  5.993   -2.684  1.00 34.20 ? 1  G   A "C5'" 1 
ATOM   3   C  "C4'" . G   A 1 1  ? 14.677  6.728   -1.367  1.00 30.70 ? 1  G   A "C4'" 1 
ATOM   4   O  "O4'" . G   A 1 1  ? 14.768  8.149   -1.623  1.00 32.19 ? 1  G   A "O4'" 1 
ATOM   5   C  "C3'" . G   A 1 1  ? 13.513  6.577   -0.403  1.00 32.51 ? 1  G   A "C3'" 1 
ATOM   6   O  "O3'" . G   A 1 1  ? 13.705  5.426   0.395   1.00 32.95 ? 1  G   A "O3'" 1 
ATOM   7   C  "C2'" . G   A 1 1  ? 13.590  7.869   0.406   1.00 31.48 ? 1  G   A "C2'" 1 
ATOM   8   O  "O2'" . G   A 1 1  ? 14.591  7.876   1.390   1.00 33.73 ? 1  G   A "O2'" 1 
ATOM   9   C  "C1'" . G   A 1 1  ? 13.995  8.875   -0.671  1.00 32.59 ? 1  G   A "C1'" 1 
ATOM   10  N  N9    . G   A 1 1  ? 12.831  9.462   -1.350  1.00 32.24 ? 1  G   A N9    1 
ATOM   11  C  C8    . G   A 1 1  ? 12.406  9.250   -2.648  1.00 30.47 ? 1  G   A C8    1 
ATOM   12  N  N7    . G   A 1 1  ? 11.308  9.898   -2.941  1.00 27.33 ? 1  G   A N7    1 
ATOM   13  C  C5    . G   A 1 1  ? 10.999  10.594  -1.779  1.00 30.45 ? 1  G   A C5    1 
ATOM   14  C  C6    . G   A 1 1  ? 9.922   11.473  -1.493  1.00 29.44 ? 1  G   A C6    1 
ATOM   15  O  O6    . G   A 1 1  ? 9.029   11.882  -2.246  1.00 30.45 ? 1  G   A O6    1 
ATOM   16  N  N1    . G   A 1 1  ? 9.962   11.916  -0.178  1.00 27.84 ? 1  G   A N1    1 
ATOM   17  C  C2    . G   A 1 1  ? 10.931  11.595  0.747   1.00 28.53 ? 1  G   A C2    1 
ATOM   18  N  N2    . G   A 1 1  ? 10.771  12.145  1.979   1.00 27.75 ? 1  G   A N2    1 
ATOM   19  N  N3    . G   A 1 1  ? 11.964  10.803  0.488   1.00 29.15 ? 1  G   A N3    1 
ATOM   20  C  C4    . G   A 1 1  ? 11.930  10.334  -0.786  1.00 29.01 ? 1  G   A C4    1 
ATOM   21  P  P     . G   A 1 2  ? 12.447  4.683   1.058   1.00 32.33 ? 2  G   A P     1 
ATOM   22  O  OP1   . G   A 1 2  ? 13.017  3.539   1.806   1.00 33.09 ? 2  G   A OP1   1 
ATOM   23  O  OP2   . G   A 1 2  ? 11.360  4.453   0.058   1.00 29.75 ? 2  G   A OP2   1 
ATOM   24  O  "O5'" . G   A 1 2  ? 11.889  5.735   2.095   1.00 29.59 ? 2  G   A "O5'" 1 
ATOM   25  C  "C5'" . G   A 1 2  ? 12.607  6.007   3.290   1.00 32.62 ? 2  G   A "C5'" 1 
ATOM   26  C  "C4'" . G   A 1 2  ? 11.819  6.924   4.183   1.00 31.40 ? 2  G   A "C4'" 1 
ATOM   27  O  "O4'" . G   A 1 2  ? 11.789  8.263   3.619   1.00 26.58 ? 2  G   A "O4'" 1 
ATOM   28  C  "C3'" . G   A 1 2  ? 10.358  6.569   4.421   1.00 34.79 ? 2  G   A "C3'" 1 
ATOM   29  O  "O3'" . G   A 1 2  ? 10.183  5.581   5.435   1.00 36.82 ? 2  G   A "O3'" 1 
ATOM   30  C  "C2'" . G   A 1 2  ? 9.803   7.922   4.840   1.00 32.33 ? 2  G   A "C2'" 1 
ATOM   31  O  "O2'" . G   A 1 2  ? 10.230  8.267   6.148   1.00 32.72 ? 2  G   A "O2'" 1 
ATOM   32  C  "C1'" . G   A 1 2  ? 10.512  8.836   3.837   1.00 31.25 ? 2  G   A "C1'" 1 
ATOM   33  N  N9    . G   A 1 2  ? 9.790   8.900   2.555   1.00 29.77 ? 2  G   A N9    1 
ATOM   34  C  C8    . G   A 1 2  ? 10.063  8.254   1.367   1.00 30.85 ? 2  G   A C8    1 
ATOM   35  N  N7    . G   A 1 2  ? 9.198   8.534   0.418   1.00 27.80 ? 2  G   A N7    1 
ATOM   36  C  C5    . G   A 1 2  ? 8.307   9.418   1.024   1.00 29.73 ? 2  G   A C5    1 
ATOM   37  C  C6    . G   A 1 2  ? 7.142   10.068  0.519   1.00 29.78 ? 2  G   A C6    1 
ATOM   38  O  O6    . G   A 1 2  ? 6.658   10.020  -0.614  1.00 28.80 ? 2  G   A O6    1 
ATOM   39  N  N1    . G   A 1 2  ? 6.523   10.843  1.501   1.00 27.54 ? 2  G   A N1    1 
ATOM   40  C  C2    . G   A 1 2  ? 6.967   11.002  2.788   1.00 30.35 ? 2  G   A C2    1 
ATOM   41  N  N2    . G   A 1 2  ? 6.234   11.789  3.587   1.00 30.04 ? 2  G   A N2    1 
ATOM   42  N  N3    . G   A 1 2  ? 8.046   10.435  3.263   1.00 29.47 ? 2  G   A N3    1 
ATOM   43  C  C4    . G   A 1 2  ? 8.662   9.649   2.338   1.00 30.16 ? 2  G   A C4    1 
ATOM   44  P  P     . U   A 1 3  ? 9.011   4.486   5.286   1.00 41.25 ? 3  U   A P     1 
ATOM   45  O  OP1   . U   A 1 3  ? 9.221   3.547   6.419   1.00 44.68 ? 3  U   A OP1   1 
ATOM   46  O  OP2   . U   A 1 3  ? 8.931   3.947   3.897   1.00 42.58 ? 3  U   A OP2   1 
ATOM   47  O  "O5'" . U   A 1 3  ? 7.657   5.299   5.496   1.00 40.24 ? 3  U   A "O5'" 1 
ATOM   48  C  "C5'" . U   A 1 3  ? 7.497   6.129   6.637   1.00 40.62 ? 3  U   A "C5'" 1 
ATOM   49  C  "C4'" . U   A 1 3  ? 6.322   7.046   6.460   1.00 39.09 ? 3  U   A "C4'" 1 
ATOM   50  O  "O4'" . U   A 1 3  ? 6.557   7.894   5.317   1.00 40.11 ? 3  U   A "O4'" 1 
ATOM   51  C  "C3'" . U   A 1 3  ? 4.983   6.405   6.153   1.00 37.49 ? 3  U   A "C3'" 1 
ATOM   52  O  "O3'" . U   A 1 3  ? 4.386   5.950   7.365   1.00 34.72 ? 3  U   A "O3'" 1 
ATOM   53  C  "C2'" . U   A 1 3  ? 4.226   7.594   5.582   1.00 36.42 ? 3  U   A "C2'" 1 
ATOM   54  O  "O2'" . U   A 1 3  ? 3.820   8.476   6.599   1.00 36.46 ? 3  U   A "O2'" 1 
ATOM   55  C  "C1'" . U   A 1 3  ? 5.321   8.274   4.753   1.00 38.35 ? 3  U   A "C1'" 1 
ATOM   56  N  N1    . U   A 1 3  ? 5.312   7.893   3.329   1.00 34.40 ? 3  U   A N1    1 
ATOM   57  C  C2    . U   A 1 3  ? 4.361   8.499   2.535   1.00 34.41 ? 3  U   A C2    1 
ATOM   58  O  O2    . U   A 1 3  ? 3.542   9.284   2.976   1.00 30.22 ? 3  U   A O2    1 
ATOM   59  N  N3    . U   A 1 3  ? 4.408   8.159   1.201   1.00 35.07 ? 3  U   A N3    1 
ATOM   60  C  C4    . U   A 1 3  ? 5.281   7.296   0.591   1.00 34.04 ? 3  U   A C4    1 
ATOM   61  O  O4    . U   A 1 3  ? 5.197   7.115   -0.633  1.00 32.30 ? 3  U   A O4    1 
ATOM   62  C  C5    . U   A 1 3  ? 6.233   6.686   1.479   1.00 34.69 ? 3  U   A C5    1 
ATOM   63  C  C6    . U   A 1 3  ? 6.212   6.995   2.794   1.00 34.32 ? 3  U   A C6    1 
ATOM   64  P  P     . A   A 1 4  ? 3.226   4.842   7.333   1.00 32.99 ? 4  A   A P     1 
ATOM   65  O  OP1   . A   A 1 4  ? 2.880   4.576   8.775   1.00 38.16 ? 4  A   A OP1   1 
ATOM   66  O  OP2   . A   A 1 4  ? 3.565   3.725   6.450   1.00 31.09 ? 4  A   A OP2   1 
ATOM   67  O  "O5'" . A   A 1 4  ? 1.983   5.624   6.737   1.00 29.44 ? 4  A   A "O5'" 1 
ATOM   68  C  "C5'" . A   A 1 4  ? 1.523   6.802   7.373   1.00 31.72 ? 4  A   A "C5'" 1 
ATOM   69  C  "C4'" . A   A 1 4  ? 0.351   7.369   6.616   1.00 35.04 ? 4  A   A "C4'" 1 
ATOM   70  O  "O4'" . A   A 1 4  ? 0.822   8.024   5.416   1.00 34.37 ? 4  A   A "O4'" 1 
ATOM   71  C  "C3'" . A   A 1 4  ? -0.659  6.352   6.109   1.00 33.72 ? 4  A   A "C3'" 1 
ATOM   72  O  "O3'" . A   A 1 4  ? -1.573  5.997   7.136   1.00 33.37 ? 4  A   A "O3'" 1 
ATOM   73  C  "C2'" . A   A 1 4  ? -1.341  7.122   4.989   1.00 32.81 ? 4  A   A "C2'" 1 
ATOM   74  O  "O2'" . A   A 1 4  ? -2.250  8.088   5.457   1.00 30.10 ? 4  A   A "O2'" 1 
ATOM   75  C  "C1'" . A   A 1 4  ? -0.158  7.892   4.406   1.00 34.31 ? 4  A   A "C1'" 1 
ATOM   76  N  N9    . A   A 1 4  ? 0.435   7.241   3.241   1.00 34.00 ? 4  A   A N9    1 
ATOM   77  C  C8    . A   A 1 4  ? 1.530   6.408   3.147   1.00 33.90 ? 4  A   A C8    1 
ATOM   78  N  N7    . A   A 1 4  ? 1.817   6.056   1.911   1.00 32.24 ? 4  A   A N7    1 
ATOM   79  C  C5    . A   A 1 4  ? 0.840   6.688   1.146   1.00 32.44 ? 4  A   A C5    1 
ATOM   80  C  C6    . A   A 1 4  ? 0.597   6.736   -0.251  1.00 32.51 ? 4  A   A C6    1 
ATOM   81  N  N6    . A   A 1 4  ? 1.382   6.145   -1.169  1.00 29.06 ? 4  A   A N6    1 
ATOM   82  N  N1    . A   A 1 4  ? -0.485  7.431   -0.674  1.00 31.35 ? 4  A   A N1    1 
ATOM   83  C  C2    . A   A 1 4  ? -1.242  8.056   0.235   1.00 32.97 ? 4  A   A C2    1 
ATOM   84  N  N3    . A   A 1 4  ? -1.100  8.109   1.564   1.00 32.67 ? 4  A   A N3    1 
ATOM   85  C  C4    . A   A 1 4  ? -0.032  7.397   1.954   1.00 32.20 ? 4  A   A C4    1 
ATOM   86  P  P     . U   A 1 5  ? -2.248  4.547   7.135   1.00 37.96 ? 5  U   A P     1 
ATOM   87  O  OP1   . U   A 1 5  ? -3.160  4.513   8.338   1.00 41.29 ? 5  U   A OP1   1 
ATOM   88  O  OP2   . U   A 1 5  ? -1.226  3.495   6.976   1.00 37.42 ? 5  U   A OP2   1 
ATOM   89  O  "O5'" . U   A 1 5  ? -3.187  4.533   5.835   1.00 33.42 ? 5  U   A "O5'" 1 
ATOM   90  C  "C5'" . U   A 1 5  ? -4.367  5.357   5.771   1.00 32.99 ? 5  U   A "C5'" 1 
ATOM   91  C  "C4'" . U   A 1 5  ? -5.025  5.263   4.405   1.00 33.82 ? 5  U   A "C4'" 1 
ATOM   92  O  "O4'" . U   A 1 5  ? -4.179  5.893   3.408   1.00 34.80 ? 5  U   A "O4'" 1 
ATOM   93  C  "C3'" . U   A 1 5  ? -5.294  3.863   3.868   1.00 35.75 ? 5  U   A "C3'" 1 
ATOM   94  O  "O3'" . U   A 1 5  ? -6.574  3.394   4.314   1.00 39.38 ? 5  U   A "O3'" 1 
ATOM   95  C  "C2'" . U   A 1 5  ? -5.331  4.090   2.357   1.00 35.12 ? 5  U   A "C2'" 1 
ATOM   96  O  "O2'" . U   A 1 5  ? -6.579  4.569   1.907   1.00 37.05 ? 5  U   A "O2'" 1 
ATOM   97  C  "C1'" . U   A 1 5  ? -4.304  5.210   2.178   1.00 32.08 ? 5  U   A "C1'" 1 
ATOM   98  N  N1    . U   A 1 5  ? -2.988  4.716   1.745   1.00 31.66 ? 5  U   A N1    1 
ATOM   99  C  C2    . U   A 1 5  ? -2.734  4.744   0.380   1.00 31.61 ? 5  U   A C2    1 
ATOM   100 O  O2    . U   A 1 5  ? -3.539  5.150   -0.429  1.00 28.50 ? 5  U   A O2    1 
ATOM   101 N  N3    . U   A 1 5  ? -1.502  4.266   -0.006  1.00 29.14 ? 5  U   A N3    1 
ATOM   102 C  C4    . U   A 1 5  ? -0.511  3.753   0.794   1.00 31.92 ? 5  U   A C4    1 
ATOM   103 O  O4    . U   A 1 5  ? 0.509   3.297   0.257   1.00 28.03 ? 5  U   A O4    1 
ATOM   104 C  C5    . U   A 1 5  ? -0.827  3.747   2.207   1.00 30.88 ? 5  U   A C5    1 
ATOM   105 C  C6    . U   A 1 5  ? -2.032  4.228   2.624   1.00 31.91 ? 5  U   A C6    1 
ATOM   106 P  P     . U   A 1 6  ? -6.687  2.045   5.191   1.00 44.49 ? 6  U   A P     1 
ATOM   107 O  OP1   . U   A 1 6  ? -8.102  1.606   5.295   1.00 43.99 ? 6  U   A OP1   1 
ATOM   108 O  OP2   . U   A 1 6  ? -5.924  2.297   6.432   1.00 39.98 ? 6  U   A OP2   1 
ATOM   109 O  "O5'" . U   A 1 6  ? -5.895  0.927   4.357   1.00 43.36 ? 6  U   A "O5'" 1 
ATOM   110 C  "C5'" . U   A 1 6  ? -6.403  0.347   3.143   1.00 46.25 ? 6  U   A "C5'" 1 
ATOM   111 C  "C4'" . U   A 1 6  ? -6.096  -1.143  3.112   1.00 47.04 ? 6  U   A "C4'" 1 
ATOM   112 O  "O4'" . U   A 1 6  ? -4.704  -1.403  3.389   1.00 46.78 ? 6  U   A "O4'" 1 
ATOM   113 C  "C3'" . U   A 1 6  ? -6.895  -1.998  4.098   1.00 46.99 ? 6  U   A "C3'" 1 
ATOM   114 O  "O3'" . U   A 1 6  ? -7.691  -2.877  3.275   1.00 45.36 ? 6  U   A "O3'" 1 
ATOM   115 C  "C2'" . U   A 1 6  ? -5.852  -2.852  4.846   1.00 46.19 ? 6  U   A "C2'" 1 
ATOM   116 O  "O2'" . U   A 1 6  ? -6.185  -4.209  5.098   1.00 47.89 ? 6  U   A "O2'" 1 
ATOM   117 C  "C1'" . U   A 1 6  ? -4.620  -2.685  3.948   1.00 46.87 ? 6  U   A "C1'" 1 
ATOM   118 N  N1    . U   A 1 6  ? -3.274  -2.923  4.483   1.00 45.49 ? 6  U   A N1    1 
ATOM   119 C  C2    . U   A 1 6  ? -2.533  -3.946  3.895   1.00 44.51 ? 6  U   A C2    1 
ATOM   120 O  O2    . U   A 1 6  ? -2.930  -4.613  2.931   1.00 42.19 ? 6  U   A O2    1 
ATOM   121 N  N3    . U   A 1 6  ? -1.312  -4.157  4.465   1.00 43.52 ? 6  U   A N3    1 
ATOM   122 C  C4    . U   A 1 6  ? -0.753  -3.468  5.509   1.00 44.72 ? 6  U   A C4    1 
ATOM   123 O  O4    . U   A 1 6  ? 0.381   -3.755  5.879   1.00 46.87 ? 6  U   A O4    1 
ATOM   124 C  C5    . U   A 1 6  ? -1.562  -2.423  6.037   1.00 45.27 ? 6  U   A C5    1 
ATOM   125 C  C6    . U   A 1 6  ? -2.766  -2.192  5.520   1.00 46.49 ? 6  U   A C6    1 
ATOM   126 P  P     . U   A 1 7  ? -9.293  -2.921  3.411   1.00 46.93 ? 7  U   A P     1 
ATOM   127 O  OP1   . U   A 1 7  ? -9.530  -3.229  4.858   1.00 47.97 ? 7  U   A OP1   1 
ATOM   128 O  OP2   . U   A 1 7  ? -9.788  -3.886  2.383   1.00 43.75 ? 7  U   A OP2   1 
ATOM   129 O  "O5'" . U   A 1 7  ? -9.708  -1.410  3.085   1.00 44.86 ? 7  U   A "O5'" 1 
ATOM   130 C  "C5'" . U   A 1 7  ? -10.061 -0.933  1.776   1.00 48.99 ? 7  U   A "C5'" 1 
ATOM   131 C  "C4'" . U   A 1 7  ? -11.195 0.064   1.916   1.00 50.69 ? 7  U   A "C4'" 1 
ATOM   132 O  "O4'" . U   A 1 7  ? -12.286 -0.640  2.546   1.00 52.96 ? 7  U   A "O4'" 1 
ATOM   133 C  "C3'" . U   A 1 7  ? -10.823 1.237   2.825   1.00 51.46 ? 7  U   A "C3'" 1 
ATOM   134 O  "O3'" . U   A 1 7  ? -10.887 2.461   2.088   1.00 47.50 ? 7  U   A "O3'" 1 
ATOM   135 C  "C2'" . U   A 1 7  ? -11.854 1.192   3.921   1.00 55.10 ? 7  U   A "C2'" 1 
ATOM   136 O  "O2'" . U   A 1 7  ? -12.517 2.437   4.065   1.00 57.14 ? 7  U   A "O2'" 1 
ATOM   137 C  "C1'" . U   A 1 7  ? -12.885 0.176   3.515   1.00 57.56 ? 7  U   A "C1'" 1 
ATOM   138 N  N1    . U   A 1 7  ? -13.331 -0.641  4.656   1.00 61.08 ? 7  U   A N1    1 
ATOM   139 C  C2    . U   A 1 7  ? -14.395 -0.152  5.405   0.00 62.04 ? 7  U   A C2    1 
ATOM   140 O  O2    . U   A 1 7  ? -14.973 0.891   5.142   0.00 62.49 ? 7  U   A O2    1 
ATOM   141 N  N3    . U   A 1 7  ? -14.760 -0.931  6.471   1.00 63.45 ? 7  U   A N3    1 
ATOM   142 C  C4    . U   A 1 7  ? -14.185 -2.124  6.865   1.00 64.14 ? 7  U   A C4    1 
ATOM   143 O  O4    . U   A 1 7  ? -14.587 -2.680  7.891   1.00 66.19 ? 7  U   A O4    1 
ATOM   144 C  C5    . U   A 1 7  ? -13.104 -2.570  6.034   0.00 63.22 ? 7  U   A C5    1 
ATOM   145 C  C6    . U   A 1 7  ? -12.725 -1.832  4.984   1.00 61.40 ? 7  U   A C6    1 
ATOM   146 P  P     . C   A 1 8  ? -9.613  3.077   1.334   1.00 45.77 ? 8  C   A P     1 
ATOM   147 O  OP1   . C   A 1 8  ? -8.343  2.516   1.893   1.00 44.02 ? 8  C   A OP1   1 
ATOM   148 O  OP2   . C   A 1 8  ? -9.815  4.555   1.314   1.00 42.54 ? 8  C   A OP2   1 
ATOM   149 O  "O5'" . C   A 1 8  ? -9.816  2.586   -0.166  1.00 43.68 ? 8  C   A "O5'" 1 
ATOM   150 C  "C5'" . C   A 1 8  ? -10.880 3.089   -0.956  1.00 43.70 ? 8  C   A "C5'" 1 
ATOM   151 C  "C4'" . C   A 1 8  ? -10.626 2.810   -2.412  1.00 43.73 ? 8  C   A "C4'" 1 
ATOM   152 O  "O4'" . C   A 1 8  ? -9.572  3.699   -2.881  1.00 44.20 ? 8  C   A "O4'" 1 
ATOM   153 C  "C3'" . C   A 1 8  ? -10.097 1.432   -2.769  1.00 44.24 ? 8  C   A "C3'" 1 
ATOM   154 O  "O3'" . C   A 1 8  ? -11.079 0.392   -2.779  1.00 47.62 ? 8  C   A "O3'" 1 
ATOM   155 C  "C2'" . C   A 1 8  ? -9.488  1.702   -4.137  1.00 44.38 ? 8  C   A "C2'" 1 
ATOM   156 O  "O2'" . C   A 1 8  ? -10.458 1.867   -5.164  1.00 43.10 ? 8  C   A "O2'" 1 
ATOM   157 C  "C1'" . C   A 1 8  ? -8.789  3.031   -3.860  1.00 41.26 ? 8  C   A "C1'" 1 
ATOM   158 N  N1    . C   A 1 8  ? -7.427  2.798   -3.320  1.00 39.86 ? 8  C   A N1    1 
ATOM   159 C  C2    . C   A 1 8  ? -6.420  2.456   -4.227  1.00 37.20 ? 8  C   A C2    1 
ATOM   160 O  O2    . C   A 1 8  ? -6.710  2.405   -5.444  1.00 33.72 ? 8  C   A O2    1 
ATOM   161 N  N3    . C   A 1 8  ? -5.165  2.201   -3.767  1.00 33.77 ? 8  C   A N3    1 
ATOM   162 C  C4    . C   A 1 8  ? -4.899  2.297   -2.463  1.00 34.95 ? 8  C   A C4    1 
ATOM   163 N  N4    . C   A 1 8  ? -3.655  2.061   -2.070  1.00 30.69 ? 8  C   A N4    1 
ATOM   164 C  C5    . C   A 1 8  ? -5.913  2.646   -1.503  1.00 35.72 ? 8  C   A C5    1 
ATOM   165 C  C6    . C   A 1 8  ? -7.150  2.892   -1.978  1.00 38.49 ? 8  C   A C6    1 
ATOM   166 P  P     . G   A 1 9  ? -10.641 -1.107  -2.373  1.00 48.72 ? 9  G   A P     1 
ATOM   167 O  OP1   . G   A 1 9  ? -11.862 -1.908  -2.113  1.00 53.69 ? 9  G   A OP1   1 
ATOM   168 O  OP2   . G   A 1 9  ? -9.572  -1.041  -1.337  1.00 51.61 ? 9  G   A OP2   1 
ATOM   169 O  "O5'" . G   A 1 9  ? -9.880  -1.685  -3.649  1.00 47.13 ? 9  G   A "O5'" 1 
ATOM   170 C  "C5'" . G   A 1 9  ? -10.539 -1.882  -4.871  1.00 43.58 ? 9  G   A "C5'" 1 
ATOM   171 C  "C4'" . G   A 1 9  ? -9.531  -2.022  -5.979  1.00 42.16 ? 9  G   A "C4'" 1 
ATOM   172 O  "O4'" . G   A 1 9  ? -8.571  -0.928  -5.876  1.00 39.36 ? 9  G   A "O4'" 1 
ATOM   173 C  "C3'" . G   A 1 9  ? -8.622  -3.247  -5.971  1.00 43.35 ? 9  G   A "C3'" 1 
ATOM   174 O  "O3'" . G   A 1 9  ? -9.275  -4.438  -6.431  1.00 39.35 ? 9  G   A "O3'" 1 
ATOM   175 C  "C2'" . G   A 1 9  ? -7.542  -2.780  -6.937  1.00 40.41 ? 9  G   A "C2'" 1 
ATOM   176 O  "O2'" . G   A 1 9  ? -7.960  -2.761  -8.281  1.00 42.64 ? 9  G   A "O2'" 1 
ATOM   177 C  "C1'" . G   A 1 9  ? -7.351  -1.332  -6.478  1.00 39.16 ? 9  G   A "C1'" 1 
ATOM   178 N  N9    . G   A 1 9  ? -6.271  -1.293  -5.495  1.00 35.80 ? 9  G   A N9    1 
ATOM   179 C  C8    . G   A 1 9  ? -6.329  -1.002  -4.150  1.00 32.02 ? 9  G   A C8    1 
ATOM   180 N  N7    . G   A 1 9  ? -5.177  -1.160  -3.549  1.00 31.84 ? 9  G   A N7    1 
ATOM   181 C  C5    . G   A 1 9  ? -4.312  -1.564  -4.563  1.00 29.43 ? 9  G   A C5    1 
ATOM   182 C  C6    . G   A 1 9  ? -2.943  -1.907  -4.509  1.00 28.06 ? 9  G   A C6    1 
ATOM   183 O  O6    . G   A 1 9  ? -2.199  -1.952  -3.505  1.00 25.15 ? 9  G   A O6    1 
ATOM   184 N  N1    . G   A 1 9  ? -2.446  -2.235  -5.772  1.00 27.40 ? 9  G   A N1    1 
ATOM   185 C  C2    . G   A 1 9  ? -3.187  -2.268  -6.936  1.00 28.68 ? 9  G   A C2    1 
ATOM   186 N  N2    . G   A 1 9  ? -2.533  -2.632  -8.078  1.00 29.12 ? 9  G   A N2    1 
ATOM   187 N  N3    . G   A 1 9  ? -4.474  -1.968  -6.989  1.00 30.24 ? 9  G   A N3    1 
ATOM   188 C  C4    . G   A 1 9  ? -4.964  -1.619  -5.770  1.00 32.95 ? 9  G   A C4    1 
ATOM   189 P  P     . G   A 1 10 ? -8.797  -5.887  -5.894  1.00 42.41 ? 10 G   A P     1 
ATOM   190 O  OP1   . G   A 1 10 ? -9.705  -6.862  -6.540  1.00 42.53 ? 10 G   A OP1   1 
ATOM   191 O  OP2   . G   A 1 10 ? -8.632  -5.919  -4.435  1.00 35.25 ? 10 G   A OP2   1 
ATOM   192 O  "O5'" . G   A 1 10 ? -7.356  -6.093  -6.546  1.00 36.47 ? 10 G   A "O5'" 1 
ATOM   193 C  "C5'" . G   A 1 10 ? -7.204  -6.142  -7.955  1.00 34.87 ? 10 G   A "C5'" 1 
ATOM   194 C  "C4'" . G   A 1 10 ? -5.779  -6.480  -8.318  1.00 35.63 ? 10 G   A "C4'" 1 
ATOM   195 O  "O4'" . G   A 1 10 ? -4.895  -5.392  -7.932  1.00 32.91 ? 10 G   A "O4'" 1 
ATOM   196 C  "C3'" . G   A 1 10 ? -5.196  -7.694  -7.618  1.00 34.38 ? 10 G   A "C3'" 1 
ATOM   197 O  "O3'" . G   A 1 10 ? -5.629  -8.915  -8.229  1.00 32.93 ? 10 G   A "O3'" 1 
ATOM   198 C  "C2'" . G   A 1 10 ? -3.706  -7.438  -7.760  1.00 33.06 ? 10 G   A "C2'" 1 
ATOM   199 O  "O2'" . G   A 1 10 ? -3.141  -7.730  -9.013  1.00 33.84 ? 10 G   A "O2'" 1 
ATOM   200 C  "C1'" . G   A 1 10 ? -3.640  -5.928  -7.554  1.00 34.27 ? 10 G   A "C1'" 1 
ATOM   201 N  N9    . G   A 1 10 ? -3.404  -5.611  -6.155  1.00 29.85 ? 10 G   A N9    1 
ATOM   202 C  C8    . G   A 1 10 ? -4.300  -5.099  -5.253  1.00 29.45 ? 10 G   A C8    1 
ATOM   203 N  N7    . G   A 1 10 ? -3.774  -4.868  -4.092  1.00 26.32 ? 10 G   A N7    1 
ATOM   204 C  C5    . G   A 1 10 ? -2.454  -5.287  -4.225  1.00 28.25 ? 10 G   A C5    1 
ATOM   205 C  C6    . G   A 1 10 ? -1.389  -5.275  -3.286  1.00 29.35 ? 10 G   A C6    1 
ATOM   206 O  O6    . G   A 1 10 ? -1.418  -4.914  -2.103  1.00 29.98 ? 10 G   A O6    1 
ATOM   207 N  N1    . G   A 1 10 ? -0.197  -5.735  -3.850  1.00 27.77 ? 10 G   A N1    1 
ATOM   208 C  C2    . G   A 1 10 ? -0.054  -6.150  -5.153  1.00 28.55 ? 10 G   A C2    1 
ATOM   209 N  N2    . G   A 1 10 ? 1.176   -6.464  -5.541  1.00 26.71 ? 10 G   A N2    1 
ATOM   210 N  N3    . G   A 1 10 ? -1.056  -6.214  -6.024  1.00 30.34 ? 10 G   A N3    1 
ATOM   211 C  C4    . G   A 1 10 ? -2.215  -5.749  -5.492  1.00 30.31 ? 10 G   A C4    1 
ATOM   212 P  P     . U   A 1 11 ? -6.034  -10.177 -7.311  1.00 37.03 ? 11 U   A P     1 
ATOM   213 O  OP1   . U   A 1 11 ? -6.501  -11.222 -8.220  1.00 34.64 ? 11 U   A OP1   1 
ATOM   214 O  OP2   . U   A 1 11 ? -6.911  -9.743  -6.178  1.00 35.99 ? 11 U   A OP2   1 
ATOM   215 O  "O5'" . U   A 1 11 ? -4.639  -10.666 -6.724  1.00 32.28 ? 11 U   A "O5'" 1 
ATOM   216 C  "C5'" . U   A 1 11 ? -3.678  -11.223 -7.600  1.00 32.78 ? 11 U   A "C5'" 1 
ATOM   217 C  "C4'" . U   A 1 11 ? -2.332  -11.304 -6.942  1.00 29.52 ? 11 U   A "C4'" 1 
ATOM   218 O  "O4'" . U   A 1 11 ? -1.869  -9.982  -6.598  1.00 30.09 ? 11 U   A "O4'" 1 
ATOM   219 C  "C3'" . U   A 1 11 ? -2.258  -12.066 -5.635  1.00 31.82 ? 11 U   A "C3'" 1 
ATOM   220 O  "O3'" . U   A 1 11 ? -2.216  -13.462 -5.884  1.00 34.84 ? 11 U   A "O3'" 1 
ATOM   221 C  "C2'" . U   A 1 11 ? -0.945  -11.540 -5.079  1.00 28.80 ? 11 U   A "C2'" 1 
ATOM   222 O  "O2'" . U   A 1 11 ? 0.172   -12.130 -5.709  1.00 30.94 ? 11 U   A "O2'" 1 
ATOM   223 C  "C1'" . U   A 1 11 ? -1.035  -10.056 -5.446  1.00 27.66 ? 11 U   A "C1'" 1 
ATOM   224 N  N1    . U   A 1 11 ? -1.697  -9.316  -4.358  1.00 30.27 ? 11 U   A N1    1 
ATOM   225 C  C2    . U   A 1 11 ? -0.936  -8.967  -3.263  1.00 29.54 ? 11 U   A C2    1 
ATOM   226 O  O2    . U   A 1 11 ? 0.246   -9.241  -3.169  1.00 25.78 ? 11 U   A O2    1 
ATOM   227 N  N3    . U   A 1 11 ? -1.616  -8.306  -2.262  1.00 31.30 ? 11 U   A N3    1 
ATOM   228 C  C4    . U   A 1 11 ? -2.961  -7.975  -2.245  1.00 31.54 ? 11 U   A C4    1 
ATOM   229 O  O4    . U   A 1 11 ? -3.400  -7.269  -1.321  1.00 31.81 ? 11 U   A O4    1 
ATOM   230 C  C5    . U   A 1 11 ? -3.685  -8.381  -3.418  1.00 30.86 ? 11 U   A C5    1 
ATOM   231 C  C6    . U   A 1 11 ? -3.045  -9.015  -4.410  1.00 30.70 ? 11 U   A C6    1 
ATOM   232 P  P     . A   A 1 12 ? -2.874  -14.483 -4.826  1.00 41.08 ? 12 A   A P     1 
ATOM   233 O  OP1   . A   A 1 12 ? -3.012  -15.779 -5.511  1.00 39.74 ? 12 A   A OP1   1 
ATOM   234 O  OP2   . A   A 1 12 ? -4.082  -13.835 -4.235  1.00 38.98 ? 12 A   A OP2   1 
ATOM   235 O  "O5'" . A   A 1 12 ? -1.772  -14.596 -3.684  1.00 34.94 ? 12 A   A "O5'" 1 
ATOM   236 C  "C5'" . A   A 1 12 ? -0.451  -15.028 -3.988  1.00 35.92 ? 12 A   A "C5'" 1 
ATOM   237 C  "C4'" . A   A 1 12 ? 0.490   -14.706 -2.849  1.00 34.21 ? 12 A   A "C4'" 1 
ATOM   238 O  "O4'" . A   A 1 12 ? 0.592   -13.270 -2.686  1.00 35.01 ? 12 A   A "O4'" 1 
ATOM   239 C  "C3'" . A   A 1 12 ? 0.048   -15.219 -1.485  1.00 34.06 ? 12 A   A "C3'" 1 
ATOM   240 O  "O3'" . A   A 1 12 ? 0.434   -16.573 -1.340  1.00 36.37 ? 12 A   A "O3'" 1 
ATOM   241 C  "C2'" . A   A 1 12 ? 0.778   -14.277 -0.537  1.00 30.67 ? 12 A   A "C2'" 1 
ATOM   242 O  "O2'" . A   A 1 12 ? 2.124   -14.597 -0.315  1.00 35.93 ? 12 A   A "O2'" 1 
ATOM   243 C  "C1'" . A   A 1 12 ? 0.709   -12.957 -1.306  1.00 34.40 ? 12 A   A "C1'" 1 
ATOM   244 N  N9    . A   A 1 12 ? -0.456  -12.171 -0.907  1.00 31.98 ? 12 A   A N9    1 
ATOM   245 C  C8    . A   A 1 12 ? -1.647  -11.970 -1.558  1.00 31.89 ? 12 A   A C8    1 
ATOM   246 N  N7    . A   A 1 12 ? -2.463  -11.169 -0.923  1.00 31.81 ? 12 A   A N7    1 
ATOM   247 C  C5    . A   A 1 12 ? -1.769  -10.842 0.233   1.00 32.01 ? 12 A   A C5    1 
ATOM   248 C  C6    . A   A 1 12 ? -2.087  -10.022 1.330   1.00 32.56 ? 12 A   A C6    1 
ATOM   249 N  N6    . A   A 1 12 ? -3.238  -9.347  1.445   1.00 33.21 ? 12 A   A N6    1 
ATOM   250 N  N1    . A   A 1 12 ? -1.170  -9.910  2.313   1.00 32.49 ? 12 A   A N1    1 
ATOM   251 C  C2    . A   A 1 12 ? -0.012  -10.582 2.199   1.00 31.52 ? 12 A   A C2    1 
ATOM   252 N  N3    . A   A 1 12 ? 0.397   -11.376 1.221   1.00 29.87 ? 12 A   A N3    1 
ATOM   253 C  C4    . A   A 1 12 ? -0.538  -11.458 0.258   1.00 30.77 ? 12 A   A C4    1 
HETATM 254 BR BR    . CBR A 1 13 ? -3.460  -14.259 0.801   1.00 35.43 ? 13 CBR A BR    1 
HETATM 255 P  P     . CBR A 1 13 ? -0.419  -17.565 -0.410  1.00 38.90 ? 13 CBR A P     1 
HETATM 256 O  OP1   . CBR A 1 13 ? 0.137   -18.929 -0.605  1.00 38.21 ? 13 CBR A OP1   1 
HETATM 257 O  OP2   . CBR A 1 13 ? -1.866  -17.351 -0.521  1.00 39.52 ? 13 CBR A OP2   1 
HETATM 258 O  "O5'" . CBR A 1 13 ? -0.025  -17.073 1.041   1.00 35.30 ? 13 CBR A "O5'" 1 
HETATM 259 N  N1    . CBR A 1 13 ? -0.474  -14.064 3.616   1.00 31.55 ? 13 CBR A N1    1 
HETATM 260 C  C6    . CBR A 1 13 ? -1.236  -14.422 2.538   1.00 32.27 ? 13 CBR A C6    1 
HETATM 261 C  C2    . CBR A 1 13 ? -0.889  -13.025 4.466   1.00 34.22 ? 13 CBR A C2    1 
HETATM 262 O  O2    . CBR A 1 13 ? -0.184  -12.726 5.448   1.00 34.43 ? 13 CBR A O2    1 
HETATM 263 N  N3    . CBR A 1 13 ? -2.048  -12.389 4.202   1.00 33.31 ? 13 CBR A N3    1 
HETATM 264 C  C4    . CBR A 1 13 ? -2.799  -12.767 3.163   1.00 32.52 ? 13 CBR A C4    1 
HETATM 265 N  N4    . CBR A 1 13 ? -3.969  -12.166 2.991   1.00 29.23 ? 13 CBR A N4    1 
HETATM 266 C  C5    . CBR A 1 13 ? -2.390  -13.797 2.278   1.00 31.63 ? 13 CBR A C5    1 
HETATM 267 C  "C2'" . CBR A 1 13 ? 0.528   -15.927 4.879   1.00 31.73 ? 13 CBR A "C2'" 1 
HETATM 268 C  "C5'" . CBR A 1 13 ? 1.237   -17.380 1.549   1.00 34.01 ? 13 CBR A "C5'" 1 
HETATM 269 C  "C4'" . CBR A 1 13 ? 1.419   -16.710 2.880   1.00 31.49 ? 13 CBR A "C4'" 1 
HETATM 270 O  "O4'" . CBR A 1 13 ? 1.303   -15.280 2.733   1.00 31.76 ? 13 CBR A "O4'" 1 
HETATM 271 C  "C1'" . CBR A 1 13 ? 0.771   -14.750 3.935   1.00 32.85 ? 13 CBR A "C1'" 1 
HETATM 272 C  "C3'" . CBR A 1 13 ? 0.359   -17.073 3.909   1.00 34.36 ? 13 CBR A "C3'" 1 
HETATM 273 O  "O3'" . CBR A 1 13 ? 0.657   -18.341 4.495   1.00 35.06 ? 13 CBR A "O3'" 1 
ATOM   274 P  P     . C   A 1 14 ? -0.500  -19.200 5.223   1.00 35.70 ? 14 C   A P     1 
ATOM   275 O  OP1   . C   A 1 14 ? 0.181   -20.426 5.698   1.00 36.38 ? 14 C   A OP1   1 
ATOM   276 O  OP2   . C   A 1 14 ? -1.717  -19.320 4.388   1.00 35.60 ? 14 C   A OP2   1 
ATOM   277 O  "O5'" . C   A 1 14 ? -0.912  -18.300 6.465   1.00 35.62 ? 14 C   A "O5'" 1 
ATOM   278 C  "C5'" . C   A 1 14 ? 0.041   -17.910 7.424   1.00 34.15 ? 14 C   A "C5'" 1 
ATOM   279 C  "C4'" . C   A 1 14 ? -0.607  -17.057 8.483   1.00 31.33 ? 14 C   A "C4'" 1 
ATOM   280 O  "O4'" . C   A 1 14 ? -0.825  -15.705 8.005   1.00 30.02 ? 14 C   A "O4'" 1 
ATOM   281 C  "C3'" . C   A 1 14 ? -1.986  -17.470 8.971   1.00 33.06 ? 14 C   A "C3'" 1 
ATOM   282 O  "O3'" . C   A 1 14 ? -2.016  -18.641 9.784   1.00 36.34 ? 14 C   A "O3'" 1 
ATOM   283 C  "C2'" . C   A 1 14 ? -2.396  -16.212 9.696   1.00 31.84 ? 14 C   A "C2'" 1 
ATOM   284 O  "O2'" . C   A 1 14 ? -1.650  -16.092 10.902  1.00 36.01 ? 14 C   A "O2'" 1 
ATOM   285 C  "C1'" . C   A 1 14 ? -1.924  -15.146 8.690   1.00 32.99 ? 14 C   A "C1'" 1 
ATOM   286 N  N1    . C   A 1 14 ? -2.968  -14.799 7.702   1.00 30.50 ? 14 C   A N1    1 
ATOM   287 C  C2    . C   A 1 14 ? -3.880  -13.767 8.017   1.00 31.13 ? 14 C   A C2    1 
ATOM   288 O  O2    . C   A 1 14 ? -3.814  -13.223 9.130   1.00 30.07 ? 14 C   A O2    1 
ATOM   289 N  N3    . C   A 1 14 ? -4.822  -13.414 7.109   1.00 30.17 ? 14 C   A N3    1 
ATOM   290 C  C4    . C   A 1 14 ? -4.923  -14.096 5.956   1.00 32.93 ? 14 C   A C4    1 
ATOM   291 N  N4    . C   A 1 14 ? -5.886  -13.750 5.110   1.00 30.85 ? 14 C   A N4    1 
ATOM   292 C  C5    . C   A 1 14 ? -4.031  -15.172 5.626   1.00 33.13 ? 14 C   A C5    1 
ATOM   293 C  C6    . C   A 1 14 ? -3.065  -15.470 6.513   1.00 30.50 ? 14 C   A C6    1 
ATOM   294 O  "O5'" . G   B 2 1  ? -11.301 -5.868  7.669   1.00 32.88 ? 15 G   B "O5'" 1 
ATOM   295 C  "C5'" . G   B 2 1  ? -11.696 -5.470  9.005   1.00 36.32 ? 15 G   B "C5'" 1 
ATOM   296 C  "C4'" . G   B 2 1  ? -10.914 -6.149  10.111  1.00 30.57 ? 15 G   B "C4'" 1 
ATOM   297 O  "O4'" . G   B 2 1  ? -11.230 -7.559  10.136  1.00 29.97 ? 15 G   B "O4'" 1 
ATOM   298 C  "C3'" . G   B 2 1  ? -9.401  -6.121  9.955   1.00 32.68 ? 15 G   B "C3'" 1 
ATOM   299 O  "O3'" . G   B 2 1  ? -8.847  -4.940  10.501  1.00 36.36 ? 15 G   B "O3'" 1 
ATOM   300 C  "C2'" . G   B 2 1  ? -8.981  -7.316  10.784  1.00 33.51 ? 15 G   B "C2'" 1 
ATOM   301 O  "O2'" . G   B 2 1  ? -9.055  -7.079  12.170  1.00 30.46 ? 15 G   B "O2'" 1 
ATOM   302 C  "C1'" . G   B 2 1  ? -10.056 -8.321  10.406  1.00 33.12 ? 15 G   B "C1'" 1 
ATOM   303 N  N9    . G   B 2 1  ? -9.684  -9.065  9.201   1.00 32.40 ? 15 G   B N9    1 
ATOM   304 C  C8    . G   B 2 1  ? -10.331 -9.028  7.993   1.00 33.26 ? 15 G   B C8    1 
ATOM   305 N  N7    . G   B 2 1  ? -9.741  -9.743  7.073   1.00 36.06 ? 15 G   B N7    1 
ATOM   306 C  C5    . G   B 2 1  ? -8.650  -10.312 7.716   1.00 33.55 ? 15 G   B C5    1 
ATOM   307 C  C6    . G   B 2 1  ? -7.649  -11.202 7.217   1.00 37.12 ? 15 G   B C6    1 
ATOM   308 O  O6    . G   B 2 1  ? -7.542  -11.675 6.080   1.00 35.43 ? 15 G   B O6    1 
ATOM   309 N  N1    . G   B 2 1  ? -6.720  -11.537 8.198   1.00 33.85 ? 15 G   B N1    1 
ATOM   310 C  C2    . G   B 2 1  ? -6.757  -11.081 9.502   1.00 34.38 ? 15 G   B C2    1 
ATOM   311 N  N2    . G   B 2 1  ? -5.793  -11.532 10.303  1.00 28.43 ? 15 G   B N2    1 
ATOM   312 N  N3    . G   B 2 1  ? -7.679  -10.252 9.976   1.00 33.17 ? 15 G   B N3    1 
ATOM   313 C  C4    . G   B 2 1  ? -8.597  -9.915  9.032   1.00 34.70 ? 15 G   B C4    1 
ATOM   314 P  P     . G   B 2 2  ? -7.556  -4.294  9.822   1.00 35.96 ? 16 G   B P     1 
ATOM   315 O  OP1   . G   B 2 2  ? -7.395  -2.964  10.450  1.00 40.84 ? 16 G   B OP1   1 
ATOM   316 O  OP2   . G   B 2 2  ? -7.734  -4.401  8.342   1.00 40.32 ? 16 G   B OP2   1 
ATOM   317 O  "O5'" . G   B 2 2  ? -6.368  -5.262  10.242  1.00 35.47 ? 16 G   B "O5'" 1 
ATOM   318 C  "C5'" . G   B 2 2  ? -5.907  -5.326  11.593  1.00 34.21 ? 16 G   B "C5'" 1 
ATOM   319 C  "C4'" . G   B 2 2  ? -4.770  -6.302  11.703  1.00 30.75 ? 16 G   B "C4'" 1 
ATOM   320 O  "O4'" . G   B 2 2  ? -5.245  -7.622  11.335  1.00 31.39 ? 16 G   B "O4'" 1 
ATOM   321 C  "C3'" . G   B 2 2  ? -3.612  -6.060  10.748  1.00 31.62 ? 16 G   B "C3'" 1 
ATOM   322 O  "O3'" . G   B 2 2  ? -2.696  -5.111  11.260  1.00 34.20 ? 16 G   B "O3'" 1 
ATOM   323 C  "C2'" . G   B 2 2  ? -2.981  -7.430  10.691  1.00 30.26 ? 16 G   B "C2'" 1 
ATOM   324 O  "O2'" . G   B 2 2  ? -2.193  -7.693  11.835  1.00 36.23 ? 16 G   B "O2'" 1 
ATOM   325 C  "C1'" . G   B 2 2  ? -4.222  -8.318  10.654  1.00 32.28 ? 16 G   B "C1'" 1 
ATOM   326 N  N9    . G   B 2 2  ? -4.624  -8.527  9.269   1.00 30.28 ? 16 G   B N9    1 
ATOM   327 C  C8    . G   B 2 2  ? -5.686  -7.993  8.575   1.00 29.73 ? 16 G   B C8    1 
ATOM   328 N  N7    . G   B 2 2  ? -5.732  -8.394  7.328   1.00 32.71 ? 16 G   B N7    1 
ATOM   329 C  C5    . G   B 2 2  ? -4.635  -9.234  7.205   1.00 32.03 ? 16 G   B C5    1 
ATOM   330 C  C6    . G   B 2 2  ? -4.157  -9.973  6.099   1.00 32.71 ? 16 G   B C6    1 
ATOM   331 O  O6    . G   B 2 2  ? -4.642  -10.063 4.975   1.00 31.84 ? 16 G   B O6    1 
ATOM   332 N  N1    . G   B 2 2  ? -2.997  -10.686 6.420   1.00 30.77 ? 16 G   B N1    1 
ATOM   333 C  C2    . G   B 2 2  ? -2.405  -10.707 7.673   1.00 33.50 ? 16 G   B C2    1 
ATOM   334 N  N2    . G   B 2 2  ? -1.343  -11.514 7.858   1.00 30.14 ? 16 G   B N2    1 
ATOM   335 N  N3    . G   B 2 2  ? -2.838  -10.009 8.689   1.00 31.28 ? 16 G   B N3    1 
ATOM   336 C  C4    . G   B 2 2  ? -3.947  -9.315  8.396   1.00 31.94 ? 16 G   B C4    1 
ATOM   337 P  P     . U   B 2 3  ? -2.026  -4.032  10.270  1.00 36.31 ? 17 U   B P     1 
ATOM   338 O  OP1   . U   B 2 3  ? -1.508  -2.938  11.110  1.00 38.36 ? 17 U   B OP1   1 
ATOM   339 O  OP2   . U   B 2 3  ? -3.002  -3.705  9.197   1.00 35.91 ? 17 U   B OP2   1 
ATOM   340 O  "O5'" . U   B 2 3  ? -0.825  -4.846  9.628   1.00 36.74 ? 17 U   B "O5'" 1 
ATOM   341 C  "C5'" . U   B 2 3  ? 0.052   -5.603  10.445  1.00 34.99 ? 17 U   B "C5'" 1 
ATOM   342 C  "C4'" . U   B 2 3  ? 0.794   -6.625  9.611   1.00 37.21 ? 17 U   B "C4'" 1 
ATOM   343 O  "O4'" . U   B 2 3  ? -0.141  -7.592  9.069   1.00 36.45 ? 17 U   B "O4'" 1 
ATOM   344 C  "C3'" . U   B 2 3  ? 1.550   -6.097  8.389   1.00 34.73 ? 17 U   B "C3'" 1 
ATOM   345 O  "O3'" . U   B 2 3  ? 2.825   -5.563  8.760   1.00 37.16 ? 17 U   B "O3'" 1 
ATOM   346 C  "C2'" . U   B 2 3  ? 1.675   -7.352  7.543   1.00 32.57 ? 17 U   B "C2'" 1 
ATOM   347 O  "O2'" . U   B 2 3  ? 2.685   -8.217  8.016   1.00 36.74 ? 17 U   B "O2'" 1 
ATOM   348 C  "C1'" . U   B 2 3  ? 0.322   -8.027  7.790   1.00 35.89 ? 17 U   B "C1'" 1 
ATOM   349 N  N1    . U   B 2 3  ? -0.697  -7.745  6.760   1.00 32.90 ? 17 U   B N1    1 
ATOM   350 C  C2    . U   B 2 3  ? -0.598  -8.447  5.577   1.00 31.01 ? 17 U   B C2    1 
ATOM   351 O  O2    . U   B 2 3  ? 0.268   -9.285  5.381   1.00 29.58 ? 17 U   B O2    1 
ATOM   352 N  N3    . U   B 2 3  ? -1.558  -8.152  4.633   1.00 32.88 ? 17 U   B N3    1 
ATOM   353 C  C4    . U   B 2 3  ? -2.600  -7.258  4.754   1.00 33.49 ? 17 U   B C4    1 
ATOM   354 O  O4    . U   B 2 3  ? -3.449  -7.205  3.864   1.00 30.89 ? 17 U   B O4    1 
ATOM   355 C  C5    . U   B 2 3  ? -2.646  -6.567  6.007   1.00 33.89 ? 17 U   B C5    1 
ATOM   356 C  C6    . U   B 2 3  ? -1.714  -6.827  6.948   1.00 35.58 ? 17 U   B C6    1 
ATOM   357 P  P     . A   B 2 4  ? 3.544   -4.454  7.832   1.00 35.57 ? 18 A   B P     1 
ATOM   358 O  OP1   . A   B 2 4  ? 4.780   -4.061  8.567   1.00 40.18 ? 18 A   B OP1   1 
ATOM   359 O  OP2   . A   B 2 4  ? 2.601   -3.395  7.423   1.00 38.86 ? 18 A   B OP2   1 
ATOM   360 O  "O5'" . A   B 2 4  ? 3.928   -5.275  6.508   1.00 36.95 ? 18 A   B "O5'" 1 
ATOM   361 C  "C5'" . A   B 2 4  ? 4.813   -6.395  6.562   1.00 34.01 ? 18 A   B "C5'" 1 
ATOM   362 C  "C4'" . A   B 2 4  ? 5.016   -6.999  5.185   1.00 34.35 ? 18 A   B "C4'" 1 
ATOM   363 O  "O4'" . A   B 2 4  ? 3.863   -7.770  4.797   1.00 34.55 ? 18 A   B "O4'" 1 
ATOM   364 C  "C3'" . A   B 2 4  ? 5.229   -6.030  4.033   1.00 34.96 ? 18 A   B "C3'" 1 
ATOM   365 O  "O3'" . A   B 2 4  ? 6.579   -5.593  3.989   1.00 35.35 ? 18 A   B "O3'" 1 
ATOM   366 C  "C2'" . A   B 2 4  ? 4.848   -6.872  2.823   1.00 31.37 ? 18 A   B "C2'" 1 
ATOM   367 O  "O2'" . A   B 2 4  ? 5.839   -7.789  2.408   1.00 34.51 ? 18 A   B "O2'" 1 
ATOM   368 C  "C1'" . A   B 2 4  ? 3.697   -7.695  3.397   1.00 33.16 ? 18 A   B "C1'" 1 
ATOM   369 N  N9    . A   B 2 4  ? 2.388   -7.126  3.108   1.00 31.48 ? 18 A   B N9    1 
ATOM   370 C  C8    . A   B 2 4  ? 1.593   -6.280  3.835   1.00 30.17 ? 18 A   B C8    1 
ATOM   371 N  N7    . A   B 2 4  ? 0.431   -6.037  3.268   1.00 32.28 ? 18 A   B N7    1 
ATOM   372 C  C5    . A   B 2 4  ? 0.493   -6.753  2.077   1.00 30.57 ? 18 A   B C5    1 
ATOM   373 C  C6    . A   B 2 4  ? -0.419  -6.934  1.026   1.00 30.92 ? 18 A   B C6    1 
ATOM   374 N  N6    . A   B 2 4  ? -1.644  -6.407  1.004   1.00 28.66 ? 18 A   B N6    1 
ATOM   375 N  N1    . A   B 2 4  ? -0.029  -7.711  -0.014  1.00 28.86 ? 18 A   B N1    1 
ATOM   376 C  C2    . A   B 2 4  ? 1.170   -8.271  0.030   1.00 33.23 ? 18 A   B C2    1 
ATOM   377 N  N3    . A   B 2 4  ? 2.105   -8.190  0.968   1.00 28.83 ? 18 A   B N3    1 
ATOM   378 C  C4    . A   B 2 4  ? 1.697   -7.408  1.967   1.00 30.18 ? 18 A   B C4    1 
ATOM   379 P  P     . U   B 2 5  ? 6.911   -4.091  3.549   1.00 36.61 ? 19 U   B P     1 
ATOM   380 O  OP1   . U   B 2 5  ? 8.386   -3.868  3.699   1.00 38.67 ? 19 U   B OP1   1 
ATOM   381 O  OP2   . U   B 2 5  ? 5.970   -3.130  4.164   1.00 32.36 ? 19 U   B OP2   1 
ATOM   382 O  "O5'" . U   B 2 5  ? 6.580   -4.131  1.984   1.00 33.61 ? 19 U   B "O5'" 1 
ATOM   383 C  "C5'" . U   B 2 5  ? 7.336   -4.968  1.107   1.00 32.14 ? 19 U   B "C5'" 1 
ATOM   384 C  "C4'" . U   B 2 5  ? 6.673   -5.050  -0.250  1.00 31.30 ? 19 U   B "C4'" 1 
ATOM   385 O  "O4'" . U   B 2 5  ? 5.391   -5.709  -0.100  1.00 31.98 ? 19 U   B "O4'" 1 
ATOM   386 C  "C3'" . U   B 2 5  ? 6.340   -3.741  -0.960  1.00 33.37 ? 19 U   B "C3'" 1 
ATOM   387 O  "O3'" . U   B 2 5  ? 7.465   -3.237  -1.679  1.00 32.89 ? 19 U   B "O3'" 1 
ATOM   388 C  "C2'" . U   B 2 5  ? 5.218   -4.154  -1.909  1.00 30.50 ? 19 U   B "C2'" 1 
ATOM   389 O  "O2'" . U   B 2 5  ? 5.691   -4.825  -3.050  1.00 32.76 ? 19 U   B "O2'" 1 
ATOM   390 C  "C1'" . U   B 2 5  ? 4.496   -5.211  -1.075  1.00 31.85 ? 19 U   B "C1'" 1 
ATOM   391 N  N1    . U   B 2 5  ? 3.287   -4.718  -0.407  1.00 32.30 ? 19 U   B N1    1 
ATOM   392 C  C2    . U   B 2 5  ? 2.124   -4.851  -1.104  1.00 31.90 ? 19 U   B C2    1 
ATOM   393 O  O2    . U   B 2 5  ? 2.089   -5.346  -2.214  1.00 30.37 ? 19 U   B O2    1 
ATOM   394 N  N3    . U   B 2 5  ? 1.006   -4.397  -0.466  1.00 30.22 ? 19 U   B N3    1 
ATOM   395 C  C4    . U   B 2 5  ? 0.937   -3.818  0.784   1.00 31.76 ? 19 U   B C4    1 
ATOM   396 O  O4    . U   B 2 5  ? -0.119  -3.270  1.137   1.00 26.15 ? 19 U   B O4    1 
ATOM   397 C  C5    . U   B 2 5  ? 2.200   -3.722  1.463   1.00 30.51 ? 19 U   B C5    1 
ATOM   398 C  C6    . U   B 2 5  ? 3.308   -4.161  0.853   1.00 31.42 ? 19 U   B C6    1 
ATOM   399 P  P     . U   B 2 6  ? 8.051   -1.796  -1.304  1.00 31.10 ? 20 U   B P     1 
ATOM   400 O  OP1   . U   B 2 6  ? 9.026   -1.346  -2.342  1.00 38.45 ? 20 U   B OP1   1 
ATOM   401 O  OP2   . U   B 2 6  ? 8.479   -1.811  0.127   1.00 37.98 ? 20 U   B OP2   1 
ATOM   402 O  "O5'" . U   B 2 6  ? 6.802   -0.812  -1.398  1.00 35.27 ? 20 U   B "O5'" 1 
ATOM   403 C  "C5'" . U   B 2 6  ? 6.195   -0.477  -2.662  1.00 32.44 ? 20 U   B "C5'" 1 
ATOM   404 C  "C4'" . U   B 2 6  ? 6.053   1.025   -2.755  1.00 35.23 ? 20 U   B "C4'" 1 
ATOM   405 O  "O4'" . U   B 2 6  ? 5.230   1.483   -1.669  1.00 33.89 ? 20 U   B "O4'" 1 
ATOM   406 C  "C3'" . U   B 2 6  ? 7.395   1.759   -2.648  1.00 35.70 ? 20 U   B "C3'" 1 
ATOM   407 O  "O3'" . U   B 2 6  ? 7.508   2.582   -3.817  1.00 36.82 ? 20 U   B "O3'" 1 
ATOM   408 C  "C2'" . U   B 2 6  ? 7.235   2.719   -1.462  1.00 35.64 ? 20 U   B "C2'" 1 
ATOM   409 O  "O2'" . U   B 2 6  ? 7.762   4.021   -1.583  1.00 38.68 ? 20 U   B "O2'" 1 
ATOM   410 C  "C1'" . U   B 2 6  ? 5.712   2.736   -1.258  1.00 33.41 ? 20 U   B "C1'" 1 
ATOM   411 N  N1    . U   B 2 6  ? 5.225   3.059   0.093   1.00 35.15 ? 20 U   B N1    1 
ATOM   412 C  C2    . U   B 2 6  ? 4.157   3.940   0.186   1.00 36.21 ? 20 U   B C2    1 
ATOM   413 O  O2    . U   B 2 6  ? 3.526   4.337   -0.787  1.00 35.33 ? 20 U   B O2    1 
ATOM   414 N  N3    . U   B 2 6  ? 3.837   4.333   1.461   1.00 37.74 ? 20 U   B N3    1 
ATOM   415 C  C4    . U   B 2 6  ? 4.451   3.936   2.637   1.00 38.56 ? 20 U   B C4    1 
ATOM   416 O  O4    . U   B 2 6  ? 4.244   4.595   3.672   1.00 37.30 ? 20 U   B O4    1 
ATOM   417 C  C5    . U   B 2 6  ? 5.487   2.960   2.461   1.00 35.84 ? 20 U   B C5    1 
ATOM   418 C  C6    . U   B 2 6  ? 5.827   2.561   1.230   1.00 37.06 ? 20 U   B C6    1 
ATOM   419 P  P     . U   B 2 7  ? 8.822   2.543   -4.750  1.00 40.38 ? 21 U   B P     1 
ATOM   420 O  OP1   . U   B 2 7  ? 10.032  2.634   -3.883  1.00 37.92 ? 21 U   B OP1   1 
ATOM   421 O  OP2   . U   B 2 7  ? 8.589   3.569   -5.806  1.00 36.30 ? 21 U   B OP2   1 
ATOM   422 O  "O5'" . U   B 2 7  ? 8.811   1.065   -5.333  1.00 37.75 ? 21 U   B "O5'" 1 
ATOM   423 C  "C5'" . U   B 2 7  ? 7.776   0.544   -6.199  1.00 43.01 ? 21 U   B "C5'" 1 
ATOM   424 C  "C4'" . U   B 2 7  ? 8.350   -0.640  -6.949  1.00 42.80 ? 21 U   B "C4'" 1 
ATOM   425 O  "O4'" . U   B 2 7  ? 9.479   -0.146  -7.693  1.00 46.57 ? 21 U   B "O4'" 1 
ATOM   426 C  "C3'" . U   B 2 7  ? 8.857   -1.697  -5.969  1.00 38.70 ? 21 U   B "C3'" 1 
ATOM   427 O  "O3'" . U   B 2 7  ? 8.418   -2.991  -6.384  1.00 32.54 ? 21 U   B "O3'" 1 
ATOM   428 C  "C2'" . U   B 2 7  ? 10.375  -1.576  -6.114  1.00 44.38 ? 21 U   B "C2'" 1 
ATOM   429 O  "O2'" . U   B 2 7  ? 10.936  -2.844  -5.902  1.00 46.23 ? 21 U   B "O2'" 1 
ATOM   430 C  "C1'" . U   B 2 7  ? 10.582  -0.991  -7.506  1.00 49.35 ? 21 U   B "C1'" 1 
ATOM   431 N  N1    . U   B 2 7  ? 11.830  -0.229  -7.732  1.00 55.47 ? 21 U   B N1    1 
ATOM   432 C  C2    . U   B 2 7  ? 12.361  -0.251  -9.019  1.00 58.07 ? 21 U   B C2    1 
ATOM   433 O  O2    . U   B 2 7  ? 11.836  -0.848  -9.948  0.00 58.53 ? 21 U   B O2    1 
ATOM   434 N  N3    . U   B 2 7  ? 13.527  0.456   -9.178  1.00 59.70 ? 21 U   B N3    1 
ATOM   435 C  C4    . U   B 2 7  ? 14.208  1.169   -8.218  0.00 59.68 ? 21 U   B C4    1 
ATOM   436 O  O4    . U   B 2 7  ? 15.249  1.754   -8.524  0.00 60.43 ? 21 U   B O4    1 
ATOM   437 C  C5    . U   B 2 7  ? 13.602  1.152   -6.922  0.00 59.16 ? 21 U   B C5    1 
ATOM   438 C  C6    . U   B 2 7  ? 12.464  0.475   -6.727  1.00 57.92 ? 21 U   B C6    1 
ATOM   439 P  P     . U   B 2 8  ? 6.957   -3.578  -6.041  1.00 30.19 ? 22 U   B P     1 
ATOM   440 O  OP1   . U   B 2 8  ? 6.445   -2.931  -4.788  1.00 30.95 ? 22 U   B OP1   1 
ATOM   441 O  OP2   . U   B 2 8  ? 7.099   -5.036  -6.125  1.00 22.43 ? 22 U   B OP2   1 
ATOM   442 O  "O5'" . U   B 2 8  ? 6.044   -3.095  -7.256  1.00 26.87 ? 22 U   B "O5'" 1 
ATOM   443 C  "C5'" . U   B 2 8  ? 6.087   -3.755  -8.514  1.00 29.32 ? 22 U   B "C5'" 1 
ATOM   444 C  "C4'" . U   B 2 8  ? 4.751   -3.620  -9.206  1.00 28.25 ? 22 U   B "C4'" 1 
ATOM   445 O  "O4'" . U   B 2 8  ? 3.780   -4.523  -8.604  1.00 27.32 ? 22 U   B "O4'" 1 
ATOM   446 C  "C3'" . U   B 2 8  ? 4.092   -2.254  -9.111  1.00 29.84 ? 22 U   B "C3'" 1 
ATOM   447 O  "O3'" . U   B 2 8  ? 4.632   -1.316  -10.049 1.00 28.62 ? 22 U   B "O3'" 1 
ATOM   448 C  "C2'" . U   B 2 8  ? 2.651   -2.608  -9.425  1.00 29.94 ? 22 U   B "C2'" 1 
ATOM   449 O  "O2'" . U   B 2 8  ? 2.444   -2.820  -10.823 1.00 28.34 ? 22 U   B "O2'" 1 
ATOM   450 C  "C1'" . U   B 2 8  ? 2.504   -3.919  -8.631  1.00 28.62 ? 22 U   B "C1'" 1 
ATOM   451 N  N1    . U   B 2 8  ? 2.078   -3.609  -7.249  1.00 31.91 ? 22 U   B N1    1 
ATOM   452 C  C2    . U   B 2 8  ? 0.727   -3.377  -7.082  1.00 31.99 ? 22 U   B C2    1 
ATOM   453 O  O2    . U   B 2 8  ? -0.063  -3.475  -8.007  1.00 30.91 ? 22 U   B O2    1 
ATOM   454 N  N3    . U   B 2 8  ? 0.340   -3.022  -5.813  1.00 30.00 ? 22 U   B N3    1 
ATOM   455 C  C4    . U   B 2 8  ? 1.142   -2.871  -4.701  1.00 33.92 ? 22 U   B C4    1 
ATOM   456 O  O4    . U   B 2 8  ? 0.628   -2.503  -3.629  1.00 31.94 ? 22 U   B O4    1 
ATOM   457 C  C5    . U   B 2 8  ? 2.542   -3.146  -4.935  1.00 32.09 ? 22 U   B C5    1 
ATOM   458 C  C6    . U   B 2 8  ? 2.952   -3.507  -6.174  1.00 32.30 ? 22 U   B C6    1 
ATOM   459 P  P     . G   B 2 9  ? 4.663   0.233   -9.692  1.00 29.44 ? 23 G   B P     1 
ATOM   460 O  OP1   . G   B 2 9  ? 5.570   0.938   -10.644 1.00 29.88 ? 23 G   B OP1   1 
ATOM   461 O  OP2   . G   B 2 9  ? 4.935   0.377   -8.233  1.00 30.03 ? 23 G   B OP2   1 
ATOM   462 O  "O5'" . G   B 2 9  ? 3.185   0.736   -9.996  1.00 28.20 ? 23 G   B "O5'" 1 
ATOM   463 C  "C5'" . G   B 2 9  ? 2.600   0.507   -11.291 1.00 29.44 ? 23 G   B "C5'" 1 
ATOM   464 C  "C4'" . G   B 2 9  ? 1.105   0.725   -11.243 1.00 27.66 ? 23 G   B "C4'" 1 
ATOM   465 O  "O4'" . G   B 2 9  ? 0.502   -0.278  -10.383 1.00 30.61 ? 23 G   B "O4'" 1 
ATOM   466 C  "C3'" . G   B 2 9  ? 0.618   2.029   -10.620 1.00 29.96 ? 23 G   B "C3'" 1 
ATOM   467 O  "O3'" . G   B 2 9  ? 0.752   3.155   -11.486 1.00 31.38 ? 23 G   B "O3'" 1 
ATOM   468 C  "C2'" . G   B 2 9  ? -0.840  1.685   -10.330 1.00 29.05 ? 23 G   B "C2'" 1 
ATOM   469 O  "O2'" . G   B 2 9  ? -1.700  1.685   -11.465 1.00 29.44 ? 23 G   B "O2'" 1 
ATOM   470 C  "C1'" . G   B 2 9  ? -0.695  0.253   -9.811  1.00 30.59 ? 23 G   B "C1'" 1 
ATOM   471 N  N9    . G   B 2 9  ? -0.577  0.324   -8.360  1.00 32.30 ? 23 G   B N9    1 
ATOM   472 C  C8    . G   B 2 9  ? 0.515   0.130   -7.560  1.00 32.03 ? 23 G   B C8    1 
ATOM   473 N  N7    . G   B 2 9  ? 0.265   0.361   -6.291  1.00 34.78 ? 23 G   B N7    1 
ATOM   474 C  C5    . G   B 2 9  ? -1.079  0.707   -6.268  1.00 31.67 ? 23 G   B C5    1 
ATOM   475 C  C6    . G   B 2 9  ? -1.907  1.083   -5.199  1.00 27.76 ? 23 G   B C6    1 
ATOM   476 O  O6    . G   B 2 9  ? -1.602  1.217   -4.021  1.00 33.12 ? 23 G   B O6    1 
ATOM   477 N  N1    . G   B 2 9  ? -3.205  1.347   -5.622  1.00 29.27 ? 23 G   B N1    1 
ATOM   478 C  C2    . G   B 2 9  ? -3.633  1.300   -6.915  1.00 29.17 ? 23 G   B C2    1 
ATOM   479 N  N2    . G   B 2 9  ? -4.916  1.622   -7.154  1.00 31.03 ? 23 G   B N2    1 
ATOM   480 N  N3    . G   B 2 9  ? -2.861  0.964   -7.926  1.00 28.84 ? 23 G   B N3    1 
ATOM   481 C  C4    . G   B 2 9  ? -1.611  0.675   -7.529  1.00 32.10 ? 23 G   B C4    1 
ATOM   482 P  P     . G   B 2 10 ? 0.844   4.652   -10.882 1.00 32.71 ? 24 G   B P     1 
ATOM   483 O  OP1   . G   B 2 10 ? 1.078   5.565   -12.037 1.00 30.40 ? 24 G   B OP1   1 
ATOM   484 O  OP2   . G   B 2 10 ? 1.762   4.713   -9.696  1.00 31.20 ? 24 G   B OP2   1 
ATOM   485 O  "O5'" . G   B 2 10 ? -0.607  4.985   -10.318 1.00 30.11 ? 24 G   B "O5'" 1 
ATOM   486 C  "C5'" . G   B 2 10 ? -1.758  4.930   -11.158 1.00 32.31 ? 24 G   B "C5'" 1 
ATOM   487 C  "C4'" . G   B 2 10 ? -3.014  5.245   -10.363 1.00 34.47 ? 24 G   B "C4'" 1 
ATOM   488 O  "O4'" . G   B 2 10 ? -3.276  4.236   -9.357  1.00 32.79 ? 24 G   B "O4'" 1 
ATOM   489 C  "C3'" . G   B 2 10 ? -2.980  6.534   -9.573  1.00 35.14 ? 24 G   B "C3'" 1 
ATOM   490 O  "O3'" . G   B 2 10 ? -3.283  7.630   -10.404 1.00 37.24 ? 24 G   B "O3'" 1 
ATOM   491 C  "C2'" . G   B 2 10 ? -4.091  6.323   -8.560  1.00 34.05 ? 24 G   B "C2'" 1 
ATOM   492 O  "O2'" . G   B 2 10 ? -5.387  6.538   -9.087  1.00 34.02 ? 24 G   B "O2'" 1 
ATOM   493 C  "C1'" . G   B 2 10 ? -3.899  4.844   -8.230  1.00 35.27 ? 24 G   B "C1'" 1 
ATOM   494 N  N9    . G   B 2 10 ? -3.021  4.702   -7.080  1.00 32.22 ? 24 G   B N9    1 
ATOM   495 C  C8    . G   B 2 10 ? -1.695  4.316   -7.069  1.00 34.53 ? 24 G   B C8    1 
ATOM   496 N  N7    . G   B 2 10 ? -1.178  4.286   -5.865  1.00 30.87 ? 24 G   B N7    1 
ATOM   497 C  C5    . G   B 2 10 ? -2.231  4.664   -5.034  1.00 32.79 ? 24 G   B C5    1 
ATOM   498 C  C6    . G   B 2 10 ? -2.280  4.785   -3.632  1.00 31.94 ? 24 G   B C6    1 
ATOM   499 O  O6    . G   B 2 10 ? -1.380  4.563   -2.825  1.00 30.31 ? 24 G   B O6    1 
ATOM   500 N  N1    . G   B 2 10 ? -3.540  5.216   -3.190  1.00 30.22 ? 24 G   B N1    1 
ATOM   501 C  C2    . G   B 2 10 ? -4.620  5.480   -4.014  1.00 35.31 ? 24 G   B C2    1 
ATOM   502 N  N2    . G   B 2 10 ? -5.770  5.893   -3.411  1.00 35.35 ? 24 G   B N2    1 
ATOM   503 N  N3    . G   B 2 10 ? -4.585  5.349   -5.329  1.00 32.66 ? 24 G   B N3    1 
ATOM   504 C  C4    . G   B 2 10 ? -3.368  4.940   -5.769  1.00 33.46 ? 24 G   B C4    1 
ATOM   505 P  P     . U   B 2 11 ? -2.573  9.029   -10.139 1.00 39.13 ? 25 U   B P     1 
ATOM   506 O  OP1   . U   B 2 11 ? -3.058  9.953   -11.199 1.00 45.34 ? 25 U   B OP1   1 
ATOM   507 O  OP2   . U   B 2 11 ? -1.124  8.883   -9.910  1.00 37.38 ? 25 U   B OP2   1 
ATOM   508 O  "O5'" . U   B 2 11 ? -3.180  9.536   -8.764  1.00 35.70 ? 25 U   B "O5'" 1 
ATOM   509 C  "C5'" . U   B 2 11 ? -4.576  9.573   -8.559  1.00 36.89 ? 25 U   B "C5'" 1 
ATOM   510 C  "C4'" . U   B 2 11 ? -4.862  9.879   -7.116  1.00 35.32 ? 25 U   B "C4'" 1 
ATOM   511 O  "O4'" . U   B 2 11 ? -4.611  8.723   -6.276  1.00 34.50 ? 25 U   B "O4'" 1 
ATOM   512 C  "C3'" . U   B 2 11 ? -4.018  10.980  -6.507  1.00 36.13 ? 25 U   B "C3'" 1 
ATOM   513 O  "O3'" . U   B 2 11 ? -4.565  12.237  -6.863  1.00 40.70 ? 25 U   B "O3'" 1 
ATOM   514 C  "C2'" . U   B 2 11 ? -4.159  10.691  -5.021  1.00 31.67 ? 25 U   B "C2'" 1 
ATOM   515 O  "O2'" . U   B 2 11 ? -5.393  11.145  -4.523  1.00 31.23 ? 25 U   B "O2'" 1 
ATOM   516 C  "C1'" . U   B 2 11 ? -4.159  9.158   -5.010  1.00 35.19 ? 25 U   B "C1'" 1 
ATOM   517 N  N1    . U   B 2 11 ? -2.828  8.582   -4.778  1.00 32.91 ? 25 U   B N1    1 
ATOM   518 C  C2    . U   B 2 11 ? -2.433  8.404   -3.468  1.00 33.38 ? 25 U   B C2    1 
ATOM   519 O  O2    . U   B 2 11 ? -3.123  8.731   -2.525  1.00 34.09 ? 25 U   B O2    1 
ATOM   520 N  N3    . U   B 2 11 ? -1.189  7.844   -3.308  1.00 30.03 ? 25 U   B N3    1 
ATOM   521 C  C4    . U   B 2 11 ? -0.316  7.475   -4.305  1.00 28.39 ? 25 U   B C4    1 
ATOM   522 O  O4    . U   B 2 11 ? 0.708   6.851   -4.008  1.00 26.26 ? 25 U   B O4    1 
ATOM   523 C  C5    . U   B 2 11 ? -0.792  7.726   -5.644  1.00 28.59 ? 25 U   B C5    1 
ATOM   524 C  C6    . U   B 2 11 ? -1.995  8.241   -5.827  1.00 31.48 ? 25 U   B C6    1 
ATOM   525 P  P     . A   B 2 12 ? -3.670  13.557  -6.749  1.00 40.10 ? 26 A   B P     1 
ATOM   526 O  OP1   . A   B 2 12 ? -4.418  14.685  -7.360  1.00 41.02 ? 26 A   B OP1   1 
ATOM   527 O  OP2   . A   B 2 12 ? -2.274  13.259  -7.215  1.00 43.82 ? 26 A   B OP2   1 
ATOM   528 O  "O5'" . A   B 2 12 ? -3.611  13.734  -5.185  1.00 42.43 ? 26 A   B "O5'" 1 
ATOM   529 C  "C5'" . A   B 2 12 ? -2.392  13.903  -4.533  1.00 40.47 ? 26 A   B "C5'" 1 
ATOM   530 C  "C4'" . A   B 2 12 ? -2.609  13.829  -3.060  1.00 39.38 ? 26 A   B "C4'" 1 
ATOM   531 O  "O4'" . A   B 2 12 ? -2.652  12.444  -2.630  1.00 39.44 ? 26 A   B "O4'" 1 
ATOM   532 C  "C3'" . A   B 2 12 ? -1.452  14.445  -2.322  1.00 38.83 ? 26 A   B "C3'" 1 
ATOM   533 O  "O3'" . A   B 2 12 ? -1.702  15.838  -2.237  1.00 35.15 ? 26 A   B "O3'" 1 
ATOM   534 C  "C2'" . A   B 2 12 ? -1.426  13.651  -1.023  1.00 33.50 ? 26 A   B "C2'" 1 
ATOM   535 O  "O2'" . A   B 2 12 ? -2.424  14.008  -0.108  1.00 40.34 ? 26 A   B "O2'" 1 
ATOM   536 C  "C1'" . A   B 2 12 ? -1.770  12.257  -1.539  1.00 36.58 ? 26 A   B "C1'" 1 
ATOM   537 N  N9    . A   B 2 12 ? -0.612  11.514  -2.032  1.00 33.13 ? 26 A   B N9    1 
ATOM   538 C  C8    . A   B 2 12 ? -0.263  11.252  -3.337  1.00 33.17 ? 26 A   B C8    1 
ATOM   539 N  N7    . A   B 2 12 ? 0.812   10.518  -3.459  1.00 31.36 ? 26 A   B N7    1 
ATOM   540 C  C5    . A   B 2 12 ? 1.196   10.271  -2.142  1.00 31.46 ? 26 A   B C5    1 
ATOM   541 C  C6    . A   B 2 12 ? 2.246   9.511   -1.585  1.00 29.27 ? 26 A   B C6    1 
ATOM   542 N  N6    . A   B 2 12 ? 3.124   8.789   -2.324  1.00 27.51 ? 26 A   B N6    1 
ATOM   543 N  N1    . A   B 2 12 ? 2.364   9.497   -0.233  1.00 29.19 ? 26 A   B N1    1 
ATOM   544 C  C2    . A   B 2 12 ? 1.471   10.179  0.499   1.00 30.52 ? 26 A   B C2    1 
ATOM   545 N  N3    . A   B 2 12 ? 0.421   10.913  0.085   1.00 33.58 ? 26 A   B N3    1 
ATOM   546 C  C4    . A   B 2 12 ? 0.345   10.910  -1.257  1.00 30.43 ? 26 A   B C4    1 
HETATM 547 BR BR    . CBR B 2 13 ? 2.562   13.583  -2.963  1.00 36.22 ? 27 CBR B BR    1 
HETATM 548 P  P     . CBR B 2 13 ? -0.478  16.851  -2.069  1.00 37.83 ? 27 CBR B P     1 
HETATM 549 O  OP1   . CBR B 2 13 ? -1.026  18.209  -1.929  1.00 39.26 ? 27 CBR B OP1   1 
HETATM 550 O  OP2   . CBR B 2 13 ? 0.531   16.576  -3.130  1.00 42.03 ? 27 CBR B OP2   1 
HETATM 551 O  "O5'" . CBR B 2 13 ? 0.151   16.445  -0.652  1.00 35.75 ? 27 CBR B "O5'" 1 
HETATM 552 N  N1    . CBR B 2 13 ? 2.474   13.781  1.151   1.00 32.88 ? 27 CBR B N1    1 
HETATM 553 C  C6    . CBR B 2 13 ? 2.189   13.961  -0.178  1.00 32.31 ? 27 CBR B C6    1 
HETATM 554 C  C2    . CBR B 2 13 ? 3.550   12.957  1.533   1.00 33.55 ? 27 CBR B C2    1 
HETATM 555 O  O2    . CBR B 2 13 ? 3.829   12.856  2.741   1.00 35.14 ? 27 CBR B O2    1 
HETATM 556 N  N3    . CBR B 2 13 ? 4.265   12.312  0.589   1.00 32.82 ? 27 CBR B N3    1 
HETATM 557 C  C4    . CBR B 2 13 ? 3.973   12.481  -0.701  1.00 32.68 ? 27 CBR B C4    1 
HETATM 558 N  N4    . CBR B 2 13 ? 4.706   11.814  -1.601  1.00 28.00 ? 27 CBR B N4    1 
HETATM 559 C  C5    . CBR B 2 13 ? 2.915   13.339  -1.125  1.00 35.05 ? 27 CBR B C5    1 
HETATM 560 C  "C2'" . CBR B 2 13 ? 2.332   15.720  2.739   1.00 30.77 ? 27 CBR B "C2'" 1 
HETATM 561 C  "C5'" . CBR B 2 13 ? -0.578  16.665  0.565   1.00 35.16 ? 27 CBR B "C5'" 1 
HETATM 562 C  "C4'" . CBR B 2 13 ? 0.224   16.206  1.768   1.00 28.13 ? 27 CBR B "C4'" 1 
HETATM 563 O  "O4'" . CBR B 2 13 ? 0.383   14.783  1.748   1.00 29.90 ? 27 CBR B "O4'" 1 
HETATM 564 C  "C1'" . CBR B 2 13 ? 1.689   14.432  2.237   1.00 33.84 ? 27 CBR B "C1'" 1 
HETATM 565 C  "C3'" . CBR B 2 13 ? 1.651   16.742  1.855   1.00 31.27 ? 27 CBR B "C3'" 1 
HETATM 566 O  "O3'" . CBR B 2 13 ? 1.676   18.025  2.458   1.00 32.03 ? 27 CBR B "O3'" 1 
ATOM   567 P  P     . C   B 2 14 ? 2.763   19.104  1.972   1.00 37.35 ? 28 C   B P     1 
ATOM   568 O  OP1   . C   B 2 14 ? 2.510   20.366  2.721   1.00 38.35 ? 28 C   B OP1   1 
ATOM   569 O  OP2   . C   B 2 14 ? 2.858   19.157  0.469   1.00 36.72 ? 28 C   B OP2   1 
ATOM   570 O  "O5'" . C   B 2 14 ? 4.133   18.471  2.475   1.00 33.45 ? 28 C   B "O5'" 1 
ATOM   571 C  "C5'" . C   B 2 14 ? 4.496   18.548  3.851   1.00 29.44 ? 28 C   B "C5'" 1 
ATOM   572 C  "C4'" . C   B 2 14 ? 5.748   17.748  4.108   1.00 29.74 ? 28 C   B "C4'" 1 
ATOM   573 O  "O4'" . C   B 2 14 ? 5.576   16.405  3.607   1.00 28.06 ? 28 C   B "O4'" 1 
ATOM   574 C  "C3'" . C   B 2 14 ? 7.003   18.223  3.394   1.00 26.64 ? 28 C   B "C3'" 1 
ATOM   575 O  "O3'" . C   B 2 14 ? 7.482   19.409  4.014   1.00 27.73 ? 28 C   B "O3'" 1 
ATOM   576 C  "C2'" . C   B 2 14 ? 7.877   16.983  3.484   1.00 29.01 ? 28 C   B "C2'" 1 
ATOM   577 O  "O2'" . C   B 2 14 ? 8.427   16.806  4.781   1.00 31.41 ? 28 C   B "O2'" 1 
ATOM   578 C  "C1'" . C   B 2 14 ? 6.842   15.879  3.262   1.00 29.18 ? 28 C   B "C1'" 1 
ATOM   579 N  N1    . C   B 2 14 ? 6.800   15.367  1.887   1.00 29.59 ? 28 C   B N1    1 
ATOM   580 C  C2    . C   B 2 14 ? 7.759   14.409  1.512   1.00 30.00 ? 28 C   B C2    1 
ATOM   581 O  O2    . C   B 2 14 ? 8.648   14.088  2.338   1.00 28.80 ? 28 C   B O2    1 
ATOM   582 N  N3    . C   B 2 14 ? 7.725   13.887  0.263   1.00 24.66 ? 28 C   B N3    1 
ATOM   583 C  C4    . C   B 2 14 ? 6.841   14.344  -0.617  1.00 29.69 ? 28 C   B C4    1 
ATOM   584 N  N4    . C   B 2 14 ? 6.920   13.882  -1.861  1.00 31.94 ? 28 C   B N4    1 
ATOM   585 C  C5    . C   B 2 14 ? 5.859   15.320  -0.270  1.00 27.42 ? 28 C   B C5    1 
ATOM   586 C  C6    . C   B 2 14 ? 5.872   15.799  0.989   1.00 29.24 ? 28 C   B C6    1 
HETATM 587 MG MG    . MG  C 3 .  ? -6.578  -4.463  -0.632  1.00 38.06 ? 98 MG  A MG    1 
HETATM 588 MG MG    . MG  D 3 .  ? -8.748  -8.019  3.737   1.00 39.46 ? 99 MG  B MG    1 
HETATM 589 O  O     . HOH E 4 .  ? 3.692   -6.643  -4.502  1.00 26.27 ? 31 HOH A O     1 
HETATM 590 O  O     . HOH E 4 .  ? -5.232  -3.786  -2.032  1.00 28.90 ? 32 HOH A O     1 
HETATM 591 O  O     . HOH E 4 .  ? 12.822  11.707  3.859   1.00 25.76 ? 33 HOH A O     1 
HETATM 592 O  O     . HOH E 4 .  ? 9.662   8.479   -4.735  1.00 52.54 ? 35 HOH A O     1 
HETATM 593 O  O     . HOH E 4 .  ? -9.131  6.151   -1.019  1.00 49.28 ? 38 HOH A O     1 
HETATM 594 O  O     . HOH E 4 .  ? 8.707   10.251  7.690   1.00 39.32 ? 39 HOH A O     1 
HETATM 595 O  O     . HOH E 4 .  ? -7.505  -2.495  -0.298  1.00 39.28 ? 40 HOH A O     1 
HETATM 596 O  O     . HOH E 4 .  ? -5.213  -5.066  7.381   1.00 39.82 ? 44 HOH A O     1 
HETATM 597 O  O     . HOH E 4 .  ? -6.523  6.104   -0.575  1.00 36.93 ? 45 HOH A O     1 
HETATM 598 O  O     . HOH E 4 .  ? 0.021   -14.366 -7.639  1.00 35.50 ? 47 HOH A O     1 
HETATM 599 O  O     . HOH E 4 .  ? -6.063  -9.036  0.545   1.00 37.61 ? 51 HOH A O     1 
HETATM 600 O  O     . HOH E 4 .  ? -3.339  9.385   2.972   1.00 38.40 ? 53 HOH A O     1 
HETATM 601 O  O     . HOH E 4 .  ? -9.701  -9.419  -6.350  1.00 37.66 ? 55 HOH A O     1 
HETATM 602 O  O     . HOH E 4 .  ? 7.448   8.741   -3.237  1.00 49.06 ? 56 HOH A O     1 
HETATM 603 O  O     . HOH E 4 .  ? 4.614   0.906   4.927   1.00 53.13 ? 59 HOH A O     1 
HETATM 604 O  O     . HOH E 4 .  ? 2.645   -11.314 -5.309  1.00 33.96 ? 61 HOH A O     1 
HETATM 605 O  O     . HOH E 4 .  ? 12.409  11.139  6.360   1.00 47.90 ? 62 HOH A O     1 
HETATM 606 O  O     . HOH E 4 .  ? 3.047   -9.142  -3.188  1.00 38.71 ? 65 HOH A O     1 
HETATM 607 O  O     . HOH E 4 .  ? -0.918  -0.495  -1.314  1.00 44.49 ? 66 HOH A O     1 
HETATM 608 O  O     . HOH E 4 .  ? 15.111  9.594   3.178   1.00 39.39 ? 69 HOH A O     1 
HETATM 609 O  O     . HOH E 4 .  ? -2.668  -3.297  -0.379  1.00 29.55 ? 70 HOH A O     1 
HETATM 610 O  O     . HOH E 4 .  ? -7.452  -7.533  2.106   1.00 43.08 ? 74 HOH A O     1 
HETATM 611 O  O     . HOH E 4 .  ? -9.615  -9.080  1.922   1.00 48.32 ? 77 HOH A O     1 
HETATM 612 O  O     . HOH E 4 .  ? -5.045  -4.381  0.700   1.00 36.06 ? 78 HOH A O     1 
HETATM 613 O  O     . HOH E 4 .  ? -3.196  -2.472  -11.078 1.00 42.91 ? 83 HOH A O     1 
HETATM 614 O  O     . HOH E 4 .  ? 8.874   4.385   1.072   1.00 34.37 ? 84 HOH A O     1 
HETATM 615 O  O     . HOH E 4 .  ? 5.325   10.045  8.930   1.00 48.91 ? 85 HOH A O     1 
HETATM 616 O  O     . HOH E 4 .  ? 16.864  5.954   2.240   1.00 31.70 ? 86 HOH A O     1 
HETATM 617 O  O     . HOH E 4 .  ? -3.508  1.318   1.000   1.00 31.98 ? 87 HOH A O     1 
HETATM 618 O  O     . HOH E 4 .  ? -5.651  -5.868  3.125   1.00 37.43 ? 92 HOH A O     1 
HETATM 619 O  O     . HOH E 4 .  ? -4.899  -0.746  -0.660  1.00 37.81 ? 95 HOH A O     1 
HETATM 620 O  O     . HOH F 4 .  ? 2.604   -1.570  -1.563  1.00 24.21 ? 29 HOH B O     1 
HETATM 621 O  O     . HOH F 4 .  ? 4.114   -2.602  -13.008 1.00 28.74 ? 30 HOH B O     1 
HETATM 622 O  O     . HOH F 4 .  ? 5.807   -0.546  -13.059 1.00 30.00 ? 34 HOH B O     1 
HETATM 623 O  O     . HOH F 4 .  ? 10.646  -3.859  1.458   1.00 56.36 ? 36 HOH B O     1 
HETATM 624 O  O     . HOH F 4 .  ? 2.416   9.655   -5.877  1.00 48.13 ? 37 HOH B O     1 
HETATM 625 O  O     . HOH F 4 .  ? 3.429   3.045   -3.819  1.00 39.44 ? 41 HOH B O     1 
HETATM 626 O  O     . HOH F 4 .  ? 1.229   2.745   -5.141  1.00 33.20 ? 42 HOH B O     1 
HETATM 627 O  O     . HOH F 4 .  ? 10.426  18.780  5.662   1.00 30.47 ? 43 HOH B O     1 
HETATM 628 O  O     . HOH F 4 .  ? 5.131   -6.713  -6.851  1.00 32.21 ? 46 HOH B O     1 
HETATM 629 O  O     . HOH F 4 .  ? 1.440   -0.818  6.963   1.00 67.61 ? 48 HOH B O     1 
HETATM 630 O  O     . HOH F 4 .  ? 10.333  14.403  4.372   1.00 34.30 ? 49 HOH B O     1 
HETATM 631 O  O     . HOH F 4 .  ? 1.717   7.498   -8.431  1.00 47.83 ? 50 HOH B O     1 
HETATM 632 O  O     . HOH F 4 .  ? 2.966   5.949   -5.527  1.00 34.11 ? 52 HOH B O     1 
HETATM 633 O  O     . HOH F 4 .  ? -4.333  16.047  -9.684  1.00 45.56 ? 54 HOH B O     1 
HETATM 634 O  O     . HOH F 4 .  ? 9.608   0.670   1.480   1.00 59.30 ? 57 HOH B O     1 
HETATM 635 O  O     . HOH F 4 .  ? 4.792   2.773   -6.644  1.00 31.93 ? 60 HOH B O     1 
HETATM 636 O  O     . HOH F 4 .  ? -7.102  5.415   -6.910  1.00 47.33 ? 63 HOH B O     1 
HETATM 637 O  O     . HOH F 4 .  ? 6.891   6.237   -2.705  1.00 52.43 ? 64 HOH B O     1 
HETATM 638 O  O     . HOH F 4 .  ? 7.955   -1.998  -13.249 1.00 42.36 ? 67 HOH B O     1 
HETATM 639 O  O     . HOH F 4 .  ? 0.135   -3.131  -11.772 1.00 41.20 ? 68 HOH B O     1 
HETATM 640 O  O     . HOH F 4 .  ? 8.030   -6.753  -3.932  1.00 40.22 ? 71 HOH B O     1 
HETATM 641 O  O     . HOH F 4 .  ? -1.264  -10.160 11.397  1.00 51.79 ? 73 HOH B O     1 
HETATM 642 O  O     . HOH F 4 .  ? -7.836  -9.873  4.078   1.00 37.57 ? 75 HOH B O     1 
HETATM 643 O  O     . HOH F 4 .  ? -8.065  -7.187  5.718   1.00 33.70 ? 76 HOH B O     1 
HETATM 644 O  O     . HOH F 4 .  ? -1.281  -5.883  14.217  1.00 42.50 ? 79 HOH B O     1 
HETATM 645 O  O     . HOH F 4 .  ? -2.054  18.683  4.238   1.00 42.12 ? 80 HOH B O     1 
HETATM 646 O  O     . HOH F 4 .  ? 0.457   19.713  4.597   1.00 52.39 ? 81 HOH B O     1 
HETATM 647 O  O     . HOH F 4 .  ? -7.974  -8.965  13.629  1.00 49.37 ? 82 HOH B O     1 
HETATM 648 O  O     . HOH F 4 .  ? 11.391  0.131   -2.634  1.00 51.65 ? 88 HOH B O     1 
HETATM 649 O  O     . HOH F 4 .  ? -0.145  7.004   -14.249 1.00 38.44 ? 89 HOH B O     1 
HETATM 650 O  O     . HOH F 4 .  ? -6.467  15.919  -5.783  1.00 38.64 ? 90 HOH B O     1 
HETATM 651 O  O     . HOH F 4 .  ? 2.576   3.766   -7.472  1.00 50.13 ? 91 HOH B O     1 
HETATM 652 O  O     . HOH F 4 .  ? -10.695 -9.548  4.534   1.00 44.67 ? 93 HOH B O     1 
HETATM 653 O  O     . HOH F 4 .  ? 5.187   11.312  -4.403  1.00 34.68 ? 94 HOH B O     1 
HETATM 654 O  O     . HOH F 4 .  ? 0.631   -11.194 9.868   1.00 41.14 ? 96 HOH B O     1 
HETATM 655 O  O     . HOH F 4 .  ? -5.250  8.536   -0.640  1.00 41.80 ? 97 HOH B O     1 
# 
